data_8FE8
#
_entry.id   8FE8
#
_cell.length_a   162.076
_cell.length_b   72.613
_cell.length_c   108.426
_cell.angle_alpha   90.000
_cell.angle_beta   99.853
_cell.angle_gamma   90.000
#
_symmetry.space_group_name_H-M   'C 1 2 1'
#
loop_
_entity.id
_entity.type
_entity.pdbx_description
1 polymer 'Reverse transcriptase/ribonuclease H'
2 polymer 'Reverse transcriptase p51'
3 non-polymer 5-[(4-{4-[(E)-2-cyanoethenyl]-2,6-dimethylphenoxy}pyrimidin-2-yl)amino]-2-[4-(methanesulfonyl)piperazin-1-yl]benzonitrile
4 non-polymer 'SULFATE ION'
5 non-polymer 1,2-ETHANEDIOL
6 water water
#
loop_
_entity_poly.entity_id
_entity_poly.type
_entity_poly.pdbx_seq_one_letter_code
_entity_poly.pdbx_strand_id
1 'polypeptide(L)'
;MVPISPIETVPVKLKPGMDGPKVKQWPLTEEKIKALVEICTEMEKEGKISKIGPENPYNTPVFAIKKKDSTKWRKLVDFR
ELNKRTQDFWEVQLGIPHPAGLKKKKSVTVLDVGDAYFSVPLDEDFRKYTAFTIPSINNETPGIRYQYNVLPQGWKGSPA
IFQSSMTKILEPFAAQNPDIVIYQYMDDLYVGSDLEIGQHRTKIEELRQHLLRWGLTTPDKKHQKEPPFLWMGYELHPDK
WTVQPIVLPEKDSWTVNDIQKLVGKLNWASQIYPGIKVRQLSKLLRGTKALTEVIPLTEEAELELAENREILKEPVHGVY
YDPSKDLIAEIQKQGQGQWTYQIYQEPFKNLKTGKYARMRGAHTNDVKQLTEAVQKITTESIVIWGKTPKFKLPIQKETW
ETWWTEYWQATWIPEWEFVNTPPLVKLWYQLEKEPIVGAETFYVDGAANRETKLGKAGYVTNKGRQKVVPLTNTTNQKTE
LQAIYLALQDSGLEVNIVTDSQYALGIIQAQPDKSESELVNQIIEQLIKKEKVYLAWVPAHKGIGGNEQVDKLVSAG
;
A
2 'polypeptide(L)'
;GPISPIETVPVKLKPGMDGPKVKQWPLTEEKIKALVEICTEMEKEGKISKIGPENPYNTPVFAIKKKDSTKWRKLVDFRE
LNKRTQDFWEVQLGIPHPAGLKKKKSVTVLDVGDAYFSVPLDEDFRKYTAFTIPSINNETPGIRYQYNVLPQGWKGSPAI
FQSSMTKILEPFKKQNPDIVIYQYMDDLYVGSDLEIGQHRTKIEELRQHLLRWGLTTPDKKHQKEPPFLWMGYELHPDKW
TVQPIVLPEKDSWTVNDIQKLVGKLNWASQIYPGIKVRQLSKLLRGTKALTEVIPLTEEAELELAENREILKEPVHGVYY
DPSKDLIAEIQKQGQGQWTYQIYQEPFKNLKTGKYARMRGAHTNDVKQLTEAVQKITTESIVIWGKTPKFKLPIQKETWE
TWWTEYWQATWIPEWEFVNTPPLVKLWYQ
;
B
#
loop_
_chem_comp.id
_chem_comp.type
_chem_comp.name
_chem_comp.formula
EDO non-polymer 1,2-ETHANEDIOL 'C2 H6 O2'
SO4 non-polymer 'SULFATE ION' 'O4 S -2'
XRB non-polymer 5-[(4-{4-[(E)-2-cyanoethenyl]-2,6-dimethylphenoxy}pyrimidin-2-yl)amino]-2-[4-(methanesulfonyl)piperazin-1-yl]benzonitrile 'C27 H27 N7 O3 S'
#
# COMPACT_ATOMS: atom_id res chain seq x y z
N MET A 1 43.87 19.83 -30.02
CA MET A 1 42.57 19.71 -29.36
C MET A 1 42.39 18.31 -28.77
N VAL A 2 41.77 18.26 -27.59
CA VAL A 2 41.61 17.01 -26.86
C VAL A 2 40.24 16.43 -27.20
N PRO A 3 40.17 15.18 -27.68
CA PRO A 3 38.87 14.59 -28.01
C PRO A 3 38.03 14.39 -26.75
N ILE A 4 36.75 14.72 -26.86
CA ILE A 4 35.79 14.53 -25.78
C ILE A 4 34.78 13.48 -26.22
N SER A 5 34.26 12.74 -25.24
CA SER A 5 33.25 11.75 -25.53
C SER A 5 31.92 12.43 -25.82
N PRO A 6 31.16 11.94 -26.80
CA PRO A 6 29.82 12.49 -27.03
C PRO A 6 28.86 12.01 -25.96
N ILE A 7 28.01 12.93 -25.50
CA ILE A 7 26.98 12.56 -24.53
C ILE A 7 25.90 11.77 -25.26
N GLU A 8 25.63 10.55 -24.78
CA GLU A 8 24.68 9.68 -25.46
C GLU A 8 23.31 10.32 -25.52
N THR A 9 22.70 10.27 -26.70
CA THR A 9 21.42 10.93 -26.93
C THR A 9 20.26 10.05 -26.46
N VAL A 10 19.26 10.68 -25.87
CA VAL A 10 18.06 9.99 -25.41
C VAL A 10 17.01 10.08 -26.50
N PRO A 11 16.52 8.96 -27.03
CA PRO A 11 15.50 9.03 -28.09
C PRO A 11 14.16 9.49 -27.52
N VAL A 12 13.62 10.54 -28.10
CA VAL A 12 12.37 11.16 -27.64
C VAL A 12 11.34 11.08 -28.76
N LYS A 13 10.10 10.81 -28.39
CA LYS A 13 8.99 10.77 -29.33
C LYS A 13 7.84 11.61 -28.80
N LEU A 14 6.93 11.96 -29.71
CA LEU A 14 5.70 12.62 -29.28
C LEU A 14 4.69 11.57 -28.81
N LYS A 15 3.67 12.05 -28.09
CA LYS A 15 2.58 11.19 -27.69
C LYS A 15 1.94 10.56 -28.94
N PRO A 16 1.39 9.35 -28.83
CA PRO A 16 0.93 8.65 -30.04
C PRO A 16 -0.28 9.32 -30.66
N GLY A 17 -0.24 9.47 -31.98
CA GLY A 17 -1.30 10.11 -32.72
C GLY A 17 -1.17 11.60 -32.88
N MET A 18 -0.40 12.26 -32.02
CA MET A 18 -0.28 13.71 -32.04
C MET A 18 0.86 14.15 -32.94
N ASP A 19 0.71 15.36 -33.50
CA ASP A 19 1.73 15.99 -34.33
C ASP A 19 2.54 16.95 -33.46
N GLY A 20 3.38 17.76 -34.10
CA GLY A 20 4.11 18.80 -33.41
C GLY A 20 3.28 20.05 -33.29
N PRO A 21 3.82 21.03 -32.54
CA PRO A 21 3.10 22.27 -32.33
C PRO A 21 3.17 23.19 -33.53
N LYS A 22 2.07 23.91 -33.77
N LYS A 22 2.07 23.91 -33.77
CA LYS A 22 1.98 24.86 -34.87
CA LYS A 22 1.97 24.87 -34.87
C LYS A 22 1.35 26.16 -34.35
C LYS A 22 1.35 26.17 -34.36
N VAL A 23 1.98 26.75 -33.34
CA VAL A 23 1.50 27.98 -32.72
C VAL A 23 2.02 29.17 -33.50
N LYS A 24 1.14 30.14 -33.74
CA LYS A 24 1.54 31.35 -34.45
C LYS A 24 2.48 32.20 -33.58
N GLN A 25 3.37 32.91 -34.25
CA GLN A 25 4.29 33.82 -33.56
C GLN A 25 3.61 35.17 -33.38
N TRP A 26 3.62 35.67 -32.15
CA TRP A 26 3.01 36.95 -31.84
C TRP A 26 3.74 38.09 -32.54
N PRO A 27 3.08 39.22 -32.76
CA PRO A 27 3.81 40.42 -33.20
C PRO A 27 4.59 41.01 -32.03
N LEU A 28 5.83 41.42 -32.32
CA LEU A 28 6.71 41.99 -31.31
C LEU A 28 7.12 43.39 -31.72
N THR A 29 7.47 44.20 -30.72
CA THR A 29 7.95 45.54 -30.99
C THR A 29 9.32 45.48 -31.63
N GLU A 30 9.60 46.45 -32.51
CA GLU A 30 10.88 46.51 -33.20
C GLU A 30 12.04 46.40 -32.23
N GLU A 31 11.97 47.13 -31.11
CA GLU A 31 13.00 47.07 -30.09
C GLU A 31 13.11 45.67 -29.49
N LYS A 32 12.04 44.88 -29.53
CA LYS A 32 12.11 43.51 -29.04
C LYS A 32 12.80 42.59 -30.03
N ILE A 33 12.47 42.70 -31.33
CA ILE A 33 13.10 41.85 -32.34
C ILE A 33 14.61 42.02 -32.31
N LYS A 34 15.08 43.28 -32.21
CA LYS A 34 16.52 43.54 -32.20
C LYS A 34 17.22 42.83 -31.05
N ALA A 35 16.53 42.64 -29.93
CA ALA A 35 17.14 41.98 -28.79
C ALA A 35 17.17 40.46 -28.95
N LEU A 36 16.11 39.89 -29.54
CA LEU A 36 16.11 38.45 -29.79
C LEU A 36 17.16 38.06 -30.81
N VAL A 37 17.25 38.82 -31.90
CA VAL A 37 18.21 38.51 -32.96
C VAL A 37 19.63 38.53 -32.41
N GLU A 38 19.94 39.51 -31.55
CA GLU A 38 21.25 39.54 -30.92
C GLU A 38 21.48 38.33 -30.03
N ILE A 39 20.48 37.96 -29.24
CA ILE A 39 20.62 36.81 -28.34
C ILE A 39 20.79 35.53 -29.13
N CYS A 40 19.92 35.32 -30.12
CA CYS A 40 19.95 34.06 -30.87
C CYS A 40 21.18 33.94 -31.75
N THR A 41 21.69 35.07 -32.28
CA THR A 41 22.93 35.01 -33.04
C THR A 41 24.08 34.55 -32.16
N GLU A 42 24.11 34.98 -30.90
CA GLU A 42 25.10 34.47 -29.96
C GLU A 42 24.86 33.00 -29.67
N MET A 43 23.60 32.61 -29.45
CA MET A 43 23.28 31.21 -29.18
C MET A 43 23.63 30.33 -30.38
N GLU A 44 23.44 30.85 -31.60
CA GLU A 44 23.80 30.10 -32.79
C GLU A 44 25.32 29.93 -32.90
N LYS A 45 26.08 30.92 -32.45
CA LYS A 45 27.53 30.79 -32.46
C LYS A 45 28.02 29.75 -31.47
N GLU A 46 27.27 29.53 -30.39
CA GLU A 46 27.63 28.55 -29.38
C GLU A 46 27.14 27.14 -29.70
N GLY A 47 26.45 26.96 -30.84
CA GLY A 47 25.97 25.66 -31.23
C GLY A 47 24.67 25.21 -30.57
N LYS A 48 24.05 26.07 -29.76
CA LYS A 48 22.82 25.68 -29.07
C LYS A 48 21.67 25.50 -30.05
N ILE A 49 21.55 26.39 -31.03
CA ILE A 49 20.47 26.35 -32.00
C ILE A 49 21.07 26.39 -33.40
N SER A 50 20.19 26.29 -34.40
CA SER A 50 20.62 26.28 -35.80
C SER A 50 19.50 26.84 -36.67
N LYS A 51 19.88 27.61 -37.68
CA LYS A 51 18.92 28.13 -38.64
C LYS A 51 18.31 26.99 -39.45
N ILE A 52 17.05 27.17 -39.84
CA ILE A 52 16.33 26.19 -40.65
C ILE A 52 15.57 26.93 -41.74
N GLY A 53 15.12 26.17 -42.74
CA GLY A 53 14.37 26.71 -43.84
C GLY A 53 12.88 26.73 -43.57
N PRO A 54 12.10 27.16 -44.56
CA PRO A 54 10.65 27.25 -44.38
C PRO A 54 9.92 25.92 -44.53
N GLU A 55 10.62 24.84 -44.88
CA GLU A 55 9.96 23.55 -45.03
C GLU A 55 9.48 23.01 -43.69
N ASN A 56 10.15 23.37 -42.61
CA ASN A 56 9.72 22.97 -41.27
C ASN A 56 8.37 23.59 -40.97
N PRO A 57 7.31 22.81 -40.77
CA PRO A 57 5.97 23.37 -40.57
C PRO A 57 5.58 23.62 -39.11
N TYR A 58 6.49 23.41 -38.16
CA TYR A 58 6.21 23.59 -36.76
C TYR A 58 6.68 24.97 -36.29
N ASN A 59 6.14 25.42 -35.16
CA ASN A 59 6.52 26.70 -34.60
C ASN A 59 6.12 26.75 -33.14
N THR A 60 6.95 27.41 -32.33
CA THR A 60 6.70 27.64 -30.91
C THR A 60 6.96 29.11 -30.63
N PRO A 61 6.02 29.81 -29.99
CA PRO A 61 6.18 31.26 -29.83
C PRO A 61 7.36 31.60 -28.93
N VAL A 62 7.99 32.73 -29.23
CA VAL A 62 9.11 33.26 -28.45
C VAL A 62 8.71 34.63 -27.93
N PHE A 63 9.23 34.98 -26.75
CA PHE A 63 8.84 36.21 -26.08
C PHE A 63 10.06 36.92 -25.54
N ALA A 64 9.90 38.22 -25.32
CA ALA A 64 10.96 39.10 -24.83
C ALA A 64 10.49 39.79 -23.55
N ILE A 65 11.17 39.50 -22.45
CA ILE A 65 10.92 40.18 -21.18
C ILE A 65 12.26 40.69 -20.65
N LYS A 66 12.20 41.48 -19.58
CA LYS A 66 13.40 42.07 -19.01
C LYS A 66 13.27 42.14 -17.51
N LYS A 67 14.39 42.40 -16.84
CA LYS A 67 14.42 42.77 -15.45
C LYS A 67 14.54 44.29 -15.34
N LYS A 68 14.19 44.81 -14.16
CA LYS A 68 14.13 46.27 -14.02
C LYS A 68 15.51 46.89 -13.87
N ASP A 69 16.41 46.24 -13.12
CA ASP A 69 17.78 46.74 -13.01
C ASP A 69 18.71 46.12 -14.03
N SER A 70 18.54 44.83 -14.32
CA SER A 70 19.29 44.19 -15.40
C SER A 70 18.93 44.88 -16.71
N THR A 71 19.89 45.58 -17.30
CA THR A 71 19.64 46.43 -18.47
C THR A 71 19.52 45.66 -19.78
N LYS A 72 18.97 44.45 -19.75
CA LYS A 72 18.91 43.62 -20.94
C LYS A 72 17.54 42.99 -21.07
N TRP A 73 17.16 42.71 -22.31
CA TRP A 73 15.99 41.88 -22.58
C TRP A 73 16.36 40.41 -22.38
N ARG A 74 15.36 39.61 -22.05
CA ARG A 74 15.55 38.17 -21.89
C ARG A 74 14.74 37.43 -22.93
N LYS A 75 15.15 36.21 -23.21
CA LYS A 75 14.59 35.39 -24.28
C LYS A 75 13.79 34.24 -23.68
N LEU A 76 12.50 34.20 -23.97
CA LEU A 76 11.59 33.19 -23.45
C LEU A 76 10.91 32.47 -24.61
N VAL A 77 11.03 31.15 -24.65
CA VAL A 77 10.36 30.32 -25.64
C VAL A 77 9.28 29.53 -24.92
N ASP A 78 8.02 29.73 -25.33
CA ASP A 78 6.86 29.20 -24.62
C ASP A 78 6.55 27.81 -25.14
N PHE A 79 7.18 26.81 -24.53
CA PHE A 79 7.00 25.41 -24.92
C PHE A 79 5.76 24.77 -24.31
N ARG A 80 4.77 25.55 -23.89
CA ARG A 80 3.56 24.99 -23.30
C ARG A 80 2.86 24.04 -24.25
N GLU A 81 2.90 24.35 -25.56
CA GLU A 81 2.18 23.53 -26.53
C GLU A 81 2.95 22.27 -26.90
N LEU A 82 4.27 22.39 -27.09
CA LEU A 82 5.07 21.20 -27.38
C LEU A 82 5.11 20.25 -26.19
N ASN A 83 5.08 20.79 -24.96
CA ASN A 83 5.06 19.93 -23.78
C ASN A 83 3.79 19.11 -23.72
N LYS A 84 2.65 19.69 -24.12
CA LYS A 84 1.40 18.96 -24.16
C LYS A 84 1.46 17.77 -25.10
N ARG A 85 2.32 17.85 -26.13
CA ARG A 85 2.41 16.83 -27.16
C ARG A 85 3.60 15.89 -26.96
N THR A 86 4.49 16.19 -26.03
CA THR A 86 5.66 15.35 -25.80
C THR A 86 5.32 14.19 -24.86
N GLN A 87 5.96 13.04 -25.12
CA GLN A 87 5.77 11.83 -24.33
C GLN A 87 6.04 12.07 -22.85
N ASP A 88 5.62 11.10 -22.03
CA ASP A 88 5.96 11.12 -20.62
C ASP A 88 7.36 10.55 -20.41
N PHE A 89 8.00 10.99 -19.33
CA PHE A 89 9.35 10.57 -19.00
C PHE A 89 9.38 10.04 -17.57
N TRP A 90 10.45 9.33 -17.25
CA TRP A 90 10.66 8.86 -15.88
C TRP A 90 11.18 10.04 -15.06
N GLU A 91 10.26 10.80 -14.49
CA GLU A 91 10.63 11.94 -13.65
C GLU A 91 11.30 11.40 -12.39
N VAL A 92 12.63 11.51 -12.35
CA VAL A 92 13.46 10.88 -11.34
C VAL A 92 13.78 11.85 -10.19
N GLN A 93 13.22 13.05 -10.23
CA GLN A 93 13.52 14.09 -9.24
C GLN A 93 12.33 14.43 -8.35
N LEU A 94 11.28 13.60 -8.35
CA LEU A 94 10.08 13.93 -7.58
C LEU A 94 10.35 13.93 -6.09
N GLY A 95 11.02 12.89 -5.59
CA GLY A 95 11.31 12.76 -4.18
C GLY A 95 12.69 13.28 -3.85
N ILE A 96 12.77 14.11 -2.80
CA ILE A 96 14.03 14.65 -2.32
C ILE A 96 14.43 13.89 -1.05
N PRO A 97 15.71 13.88 -0.67
CA PRO A 97 16.09 13.27 0.61
C PRO A 97 15.54 14.05 1.78
N HIS A 98 15.42 13.36 2.92
CA HIS A 98 15.11 14.08 4.14
C HIS A 98 16.37 14.27 4.96
N PRO A 99 16.57 15.47 5.52
CA PRO A 99 17.83 15.73 6.24
C PRO A 99 18.13 14.75 7.36
N ALA A 100 17.10 14.14 7.95
CA ALA A 100 17.33 13.20 9.04
C ALA A 100 17.98 11.90 8.57
N GLY A 101 17.99 11.64 7.28
CA GLY A 101 18.59 10.44 6.73
C GLY A 101 20.00 10.61 6.21
N LEU A 102 20.55 11.82 6.26
CA LEU A 102 21.88 12.07 5.76
C LEU A 102 22.93 11.79 6.83
N LYS A 103 24.13 11.44 6.37
CA LYS A 103 25.29 11.25 7.24
C LYS A 103 26.10 12.53 7.26
N LYS A 104 26.60 12.90 8.44
CA LYS A 104 27.47 14.05 8.57
C LYS A 104 28.68 13.91 7.66
N LYS A 105 28.98 14.97 6.92
CA LYS A 105 30.15 15.02 6.04
C LYS A 105 31.06 16.14 6.52
N LYS A 106 32.36 15.84 6.66
CA LYS A 106 33.30 16.83 7.15
C LYS A 106 33.48 17.97 6.16
N SER A 107 33.69 17.64 4.89
CA SER A 107 33.93 18.63 3.84
C SER A 107 32.93 18.45 2.72
N VAL A 108 32.42 19.56 2.21
CA VAL A 108 31.42 19.55 1.14
C VAL A 108 31.74 20.68 0.16
N THR A 109 31.85 20.35 -1.12
CA THR A 109 32.11 21.31 -2.17
C THR A 109 30.88 21.46 -3.06
N VAL A 110 30.76 22.64 -3.67
CA VAL A 110 29.67 22.94 -4.60
C VAL A 110 30.28 23.29 -5.95
N LEU A 111 29.82 22.62 -7.00
CA LEU A 111 30.32 22.83 -8.36
C LEU A 111 29.16 23.27 -9.24
N ASP A 112 29.38 24.30 -10.04
CA ASP A 112 28.37 24.79 -10.97
C ASP A 112 28.45 24.00 -12.27
N VAL A 113 27.30 23.51 -12.73
CA VAL A 113 27.23 22.75 -13.97
C VAL A 113 26.20 23.39 -14.89
N GLY A 114 26.10 24.73 -14.83
CA GLY A 114 25.19 25.43 -15.73
C GLY A 114 25.62 25.33 -17.17
N ASP A 115 26.90 25.58 -17.44
CA ASP A 115 27.43 25.38 -18.78
C ASP A 115 27.48 23.91 -19.17
N ALA A 116 27.36 23.00 -18.19
CA ALA A 116 27.32 21.59 -18.49
C ALA A 116 25.97 21.17 -19.08
N TYR A 117 24.91 21.91 -18.75
CA TYR A 117 23.57 21.58 -19.22
C TYR A 117 23.50 21.67 -20.75
N PHE A 118 24.15 22.68 -21.33
CA PHE A 118 24.07 22.87 -22.78
C PHE A 118 24.87 21.84 -23.56
N SER A 119 25.80 21.15 -22.91
CA SER A 119 26.53 20.09 -23.61
C SER A 119 25.68 18.87 -23.88
N VAL A 120 24.48 18.79 -23.31
CA VAL A 120 23.59 17.65 -23.51
C VAL A 120 22.84 17.85 -24.83
N PRO A 121 23.13 17.05 -25.86
CA PRO A 121 22.43 17.22 -27.14
C PRO A 121 21.01 16.70 -27.07
N LEU A 122 20.20 17.19 -27.99
CA LEU A 122 18.81 16.75 -28.13
C LEU A 122 18.71 15.74 -29.26
N ASP A 123 17.74 14.82 -29.14
CA ASP A 123 17.53 13.80 -30.16
C ASP A 123 17.31 14.47 -31.51
N GLU A 124 18.13 14.09 -32.49
CA GLU A 124 18.11 14.77 -33.78
C GLU A 124 16.77 14.64 -34.48
N ASP A 125 16.07 13.53 -34.31
CA ASP A 125 14.76 13.36 -34.91
C ASP A 125 13.68 14.14 -34.18
N PHE A 126 14.00 14.76 -33.05
CA PHE A 126 13.04 15.53 -32.28
C PHE A 126 13.27 17.03 -32.38
N ARG A 127 14.40 17.48 -32.94
CA ARG A 127 14.73 18.89 -32.93
C ARG A 127 13.77 19.71 -33.78
N LYS A 128 13.18 19.12 -34.82
CA LYS A 128 12.28 19.85 -35.69
C LYS A 128 11.02 20.33 -34.98
N TYR A 129 10.66 19.70 -33.86
CA TYR A 129 9.50 20.13 -33.09
C TYR A 129 9.78 21.33 -32.19
N THR A 130 11.04 21.74 -32.09
CA THR A 130 11.42 22.89 -31.27
C THR A 130 11.63 24.15 -32.10
N ALA A 131 11.12 24.18 -33.31
CA ALA A 131 11.30 25.34 -34.19
C ALA A 131 10.58 26.56 -33.63
N PHE A 132 11.16 27.72 -33.88
CA PHE A 132 10.58 28.99 -33.45
C PHE A 132 11.00 30.07 -34.44
N THR A 133 10.26 31.18 -34.42
CA THR A 133 10.45 32.25 -35.38
C THR A 133 10.62 33.59 -34.67
N ILE A 134 11.68 34.30 -35.00
CA ILE A 134 11.83 35.70 -34.62
C ILE A 134 11.15 36.54 -35.70
N PRO A 135 10.10 37.30 -35.37
CA PRO A 135 9.47 38.14 -36.40
C PRO A 135 10.47 39.14 -36.95
N SER A 136 10.33 39.45 -38.23
CA SER A 136 11.23 40.40 -38.85
C SER A 136 10.79 41.82 -38.55
N ILE A 137 11.70 42.76 -38.80
CA ILE A 137 11.39 44.17 -38.60
C ILE A 137 10.33 44.59 -39.62
N ASN A 138 9.19 45.07 -39.13
CA ASN A 138 8.07 45.54 -39.94
C ASN A 138 7.43 44.44 -40.78
N ASN A 139 7.75 43.17 -40.51
CA ASN A 139 7.21 42.03 -41.24
C ASN A 139 7.47 42.13 -42.74
N GLU A 140 8.61 42.71 -43.12
CA GLU A 140 8.92 42.92 -44.53
C GLU A 140 9.92 41.90 -45.09
N THR A 141 10.48 41.04 -44.25
CA THR A 141 11.31 39.92 -44.67
C THR A 141 10.82 38.68 -43.95
N PRO A 142 11.13 37.50 -44.48
CA PRO A 142 10.76 36.26 -43.76
C PRO A 142 11.40 36.22 -42.39
N GLY A 143 10.60 35.85 -41.39
CA GLY A 143 11.13 35.76 -40.03
C GLY A 143 12.23 34.73 -39.92
N ILE A 144 13.19 35.02 -39.03
CA ILE A 144 14.33 34.13 -38.84
C ILE A 144 13.88 32.89 -38.10
N ARG A 145 14.12 31.72 -38.68
CA ARG A 145 13.67 30.45 -38.14
C ARG A 145 14.85 29.67 -37.58
N TYR A 146 14.71 29.16 -36.37
CA TYR A 146 15.74 28.39 -35.69
C TYR A 146 15.15 27.10 -35.17
N GLN A 147 16.04 26.21 -34.70
CA GLN A 147 15.63 25.01 -34.00
C GLN A 147 16.74 24.63 -33.02
N TYR A 148 16.34 24.04 -31.89
CA TYR A 148 17.29 23.73 -30.84
C TYR A 148 18.12 22.51 -31.20
N ASN A 149 19.38 22.53 -30.76
CA ASN A 149 20.24 21.36 -30.83
C ASN A 149 20.54 20.77 -29.46
N VAL A 150 20.19 21.47 -28.38
CA VAL A 150 20.43 20.99 -27.02
C VAL A 150 19.10 20.97 -26.27
N LEU A 151 19.13 20.54 -25.02
CA LEU A 151 17.90 20.53 -24.21
C LEU A 151 17.42 21.94 -23.98
N PRO A 152 16.22 22.32 -24.44
CA PRO A 152 15.74 23.68 -24.23
C PRO A 152 15.20 23.87 -22.82
N GLN A 153 15.45 25.04 -22.25
CA GLN A 153 14.90 25.37 -20.94
C GLN A 153 13.40 25.59 -21.07
N GLY A 154 12.64 24.94 -20.18
CA GLY A 154 11.20 24.98 -20.22
C GLY A 154 10.53 23.82 -20.92
N TRP A 155 11.31 23.00 -21.63
CA TRP A 155 10.74 21.83 -22.30
C TRP A 155 10.48 20.72 -21.28
N LYS A 156 9.55 19.83 -21.65
CA LYS A 156 9.09 18.80 -20.71
C LYS A 156 10.21 17.82 -20.35
N GLY A 157 10.93 17.33 -21.36
CA GLY A 157 11.93 16.31 -21.13
C GLY A 157 13.30 16.78 -20.75
N SER A 158 13.50 18.09 -20.58
CA SER A 158 14.84 18.60 -20.28
C SER A 158 15.34 18.18 -18.90
N PRO A 159 14.58 18.33 -17.81
CA PRO A 159 15.15 17.96 -16.50
C PRO A 159 15.47 16.49 -16.36
N ALA A 160 14.59 15.60 -16.84
CA ALA A 160 14.83 14.18 -16.69
C ALA A 160 16.03 13.72 -17.51
N ILE A 161 16.14 14.22 -18.75
CA ILE A 161 17.24 13.81 -19.61
C ILE A 161 18.56 14.40 -19.12
N PHE A 162 18.52 15.63 -18.59
CA PHE A 162 19.74 16.23 -18.06
C PHE A 162 20.21 15.48 -16.82
N GLN A 163 19.31 15.23 -15.87
CA GLN A 163 19.68 14.51 -14.66
C GLN A 163 20.17 13.11 -14.98
N SER A 164 19.52 12.44 -15.95
N SER A 164 19.52 12.44 -15.94
CA SER A 164 19.93 11.08 -16.30
CA SER A 164 19.93 11.08 -16.30
C SER A 164 21.27 11.08 -17.01
C SER A 164 21.27 11.08 -17.01
N SER A 165 21.51 12.06 -17.89
CA SER A 165 22.79 12.12 -18.59
C SER A 165 23.93 12.43 -17.63
N MET A 166 23.68 13.29 -16.64
CA MET A 166 24.71 13.58 -15.66
C MET A 166 24.93 12.41 -14.71
N THR A 167 23.85 11.68 -14.37
CA THR A 167 23.99 10.50 -13.54
C THR A 167 24.83 9.43 -14.23
N LYS A 168 24.61 9.22 -15.53
CA LYS A 168 25.39 8.24 -16.26
C LYS A 168 26.86 8.64 -16.35
N ILE A 169 27.13 9.95 -16.46
CA ILE A 169 28.51 10.42 -16.52
C ILE A 169 29.20 10.21 -15.18
N LEU A 170 28.50 10.48 -14.08
CA LEU A 170 29.10 10.39 -12.76
C LEU A 170 29.19 8.96 -12.23
N GLU A 171 28.43 8.02 -12.82
CA GLU A 171 28.38 6.66 -12.28
C GLU A 171 29.75 6.00 -12.15
N PRO A 172 30.64 6.03 -13.16
CA PRO A 172 31.98 5.47 -12.94
C PRO A 172 32.74 6.18 -11.83
N PHE A 173 32.67 7.51 -11.75
CA PHE A 173 33.41 8.20 -10.70
C PHE A 173 32.92 7.82 -9.31
N ALA A 174 31.59 7.77 -9.13
CA ALA A 174 31.04 7.50 -7.80
C ALA A 174 31.27 6.05 -7.39
N ALA A 175 31.06 5.12 -8.32
CA ALA A 175 31.13 3.70 -7.97
C ALA A 175 32.54 3.30 -7.54
N GLN A 176 33.53 3.91 -8.14
CA GLN A 176 34.92 3.59 -7.82
C GLN A 176 35.50 4.49 -6.74
N ASN A 177 34.88 5.63 -6.45
CA ASN A 177 35.25 6.39 -5.27
C ASN A 177 34.17 6.22 -4.20
N PRO A 178 34.23 5.16 -3.38
CA PRO A 178 33.15 4.94 -2.40
C PRO A 178 33.24 5.80 -1.15
N ASP A 179 34.31 6.56 -0.96
CA ASP A 179 34.48 7.39 0.22
C ASP A 179 33.90 8.79 0.06
N ILE A 180 33.23 9.06 -1.06
CA ILE A 180 32.59 10.35 -1.29
C ILE A 180 31.13 10.11 -1.66
N VAL A 181 30.35 11.20 -1.64
CA VAL A 181 28.97 11.18 -2.09
C VAL A 181 28.76 12.38 -3.01
N ILE A 182 27.93 12.19 -4.05
CA ILE A 182 27.63 13.26 -5.00
C ILE A 182 26.12 13.41 -5.08
N TYR A 183 25.66 14.65 -5.17
CA TYR A 183 24.25 14.96 -5.30
C TYR A 183 24.09 16.16 -6.21
N GLN A 184 23.10 16.11 -7.09
CA GLN A 184 22.84 17.16 -8.06
C GLN A 184 21.51 17.84 -7.75
N TYR A 185 21.53 19.18 -7.79
CA TYR A 185 20.33 19.98 -7.54
C TYR A 185 20.43 21.21 -8.43
N MET A 186 19.60 21.26 -9.46
CA MET A 186 19.60 22.35 -10.46
C MET A 186 20.97 22.38 -11.11
N ASP A 187 21.51 23.56 -11.43
CA ASP A 187 22.82 23.72 -12.04
C ASP A 187 23.96 23.59 -11.04
N ASP A 188 23.71 23.03 -9.87
CA ASP A 188 24.73 22.85 -8.84
C ASP A 188 25.03 21.36 -8.66
N LEU A 189 26.23 21.10 -8.14
CA LEU A 189 26.69 19.73 -7.88
C LEU A 189 27.39 19.72 -6.53
N TYR A 190 26.89 18.92 -5.60
CA TYR A 190 27.37 18.91 -4.23
C TYR A 190 28.11 17.59 -3.98
N VAL A 191 29.38 17.69 -3.60
CA VAL A 191 30.22 16.53 -3.30
C VAL A 191 30.69 16.65 -1.86
N GLY A 192 30.44 15.62 -1.07
CA GLY A 192 30.82 15.64 0.33
C GLY A 192 31.61 14.38 0.70
N SER A 193 32.46 14.52 1.71
CA SER A 193 33.31 13.43 2.15
C SER A 193 33.76 13.67 3.57
N ASP A 194 34.37 12.64 4.16
CA ASP A 194 35.01 12.74 5.46
C ASP A 194 36.52 12.70 5.36
N LEU A 195 37.08 12.88 4.16
CA LEU A 195 38.51 12.95 4.00
C LEU A 195 39.05 14.28 4.55
N GLU A 196 40.37 14.36 4.65
CA GLU A 196 40.99 15.60 5.10
C GLU A 196 40.86 16.67 4.03
N ILE A 197 41.06 17.92 4.45
CA ILE A 197 40.93 19.07 3.55
C ILE A 197 41.85 18.96 2.35
N GLY A 198 42.92 18.17 2.46
CA GLY A 198 43.82 17.95 1.34
C GLY A 198 43.31 16.88 0.40
N GLN A 199 43.01 15.69 0.93
CA GLN A 199 42.50 14.61 0.09
C GLN A 199 41.13 14.96 -0.49
N HIS A 200 40.38 15.82 0.18
CA HIS A 200 39.08 16.24 -0.37
C HIS A 200 39.27 17.10 -1.61
N ARG A 201 40.19 18.07 -1.55
CA ARG A 201 40.44 18.93 -2.69
C ARG A 201 40.97 18.14 -3.89
N THR A 202 41.71 17.07 -3.64
CA THR A 202 42.22 16.25 -4.75
C THR A 202 41.09 15.54 -5.48
N LYS A 203 40.14 14.98 -4.74
CA LYS A 203 39.02 14.29 -5.36
C LYS A 203 38.18 15.23 -6.20
N ILE A 204 38.04 16.49 -5.77
CA ILE A 204 37.32 17.47 -6.56
C ILE A 204 38.04 17.73 -7.87
N GLU A 205 39.37 17.80 -7.83
CA GLU A 205 40.14 17.94 -9.06
C GLU A 205 40.06 16.66 -9.89
N GLU A 206 40.07 15.50 -9.23
CA GLU A 206 39.87 14.24 -9.95
C GLU A 206 38.49 14.21 -10.60
N LEU A 207 37.49 14.77 -9.92
CA LEU A 207 36.14 14.82 -10.50
C LEU A 207 36.07 15.84 -11.62
N ARG A 208 36.78 16.96 -11.48
CA ARG A 208 36.88 17.91 -12.58
C ARG A 208 37.61 17.30 -13.77
N GLN A 209 38.64 16.50 -13.51
CA GLN A 209 39.30 15.74 -14.57
C GLN A 209 38.31 14.83 -15.28
N HIS A 210 37.48 14.13 -14.50
CA HIS A 210 36.56 13.15 -15.08
C HIS A 210 35.49 13.81 -15.93
N LEU A 211 35.07 15.03 -15.58
CA LEU A 211 34.06 15.72 -16.37
C LEU A 211 34.62 16.33 -17.65
N LEU A 212 35.94 16.54 -17.72
CA LEU A 212 36.53 17.03 -18.95
C LEU A 212 36.58 15.96 -20.04
N ARG A 213 36.45 14.68 -19.66
CA ARG A 213 36.44 13.61 -20.66
C ARG A 213 35.28 13.77 -21.63
N TRP A 214 34.17 14.34 -21.18
CA TRP A 214 33.09 14.73 -22.06
C TRP A 214 33.11 16.22 -22.38
N GLY A 215 34.08 16.96 -21.85
CA GLY A 215 34.23 18.37 -22.16
C GLY A 215 33.35 19.30 -21.36
N LEU A 216 33.27 19.10 -20.04
CA LEU A 216 32.40 19.90 -19.17
C LEU A 216 33.26 20.72 -18.22
N THR A 217 33.30 22.03 -18.44
CA THR A 217 34.03 22.94 -17.56
C THR A 217 33.16 23.28 -16.36
N THR A 218 33.67 23.01 -15.16
CA THR A 218 32.91 23.21 -13.92
C THR A 218 33.73 24.03 -12.93
N PRO A 219 33.51 25.34 -12.85
CA PRO A 219 34.11 26.12 -11.77
C PRO A 219 33.26 26.08 -10.51
N ASP A 220 33.71 26.77 -9.46
CA ASP A 220 32.94 26.82 -8.23
C ASP A 220 31.74 27.75 -8.39
N LYS A 221 30.72 27.52 -7.56
CA LYS A 221 29.51 28.32 -7.62
C LYS A 221 29.81 29.77 -7.23
N LYS A 222 29.21 30.70 -7.98
CA LYS A 222 29.43 32.11 -7.73
C LYS A 222 28.93 32.50 -6.35
N HIS A 223 29.74 33.28 -5.63
CA HIS A 223 29.47 33.66 -4.24
C HIS A 223 29.24 32.41 -3.41
N GLN A 224 30.33 31.73 -3.02
CA GLN A 224 30.24 30.48 -2.28
C GLN A 224 29.45 30.68 -1.00
N LYS A 225 28.28 30.04 -0.91
CA LYS A 225 27.39 30.24 0.22
C LYS A 225 27.99 29.66 1.49
N GLU A 226 28.01 30.46 2.55
CA GLU A 226 28.45 30.00 3.85
C GLU A 226 27.33 29.24 4.54
N PRO A 227 27.65 28.45 5.56
CA PRO A 227 26.61 27.71 6.30
C PRO A 227 25.51 28.65 6.78
N PRO A 228 24.24 28.22 6.70
CA PRO A 228 23.82 26.91 6.22
C PRO A 228 23.38 26.89 4.75
N PHE A 229 23.30 25.70 4.15
CA PHE A 229 22.70 25.56 2.83
C PHE A 229 21.20 25.74 2.94
N LEU A 230 20.67 26.79 2.31
CA LEU A 230 19.23 27.00 2.24
C LEU A 230 18.71 26.19 1.07
N TRP A 231 18.12 25.03 1.36
CA TRP A 231 17.79 24.04 0.34
C TRP A 231 16.46 23.39 0.67
N MET A 232 15.47 23.60 -0.21
CA MET A 232 14.17 22.92 -0.13
C MET A 232 13.47 23.17 1.19
N GLY A 233 13.61 24.39 1.71
CA GLY A 233 12.95 24.74 2.96
C GLY A 233 13.64 24.24 4.21
N TYR A 234 14.93 23.92 4.13
CA TYR A 234 15.69 23.42 5.27
C TYR A 234 16.89 24.31 5.53
N GLU A 235 17.52 24.09 6.68
CA GLU A 235 18.79 24.69 7.03
C GLU A 235 19.77 23.54 7.30
N LEU A 236 20.66 23.29 6.35
CA LEU A 236 21.66 22.24 6.49
C LEU A 236 22.92 22.83 7.09
N HIS A 237 23.28 22.38 8.28
CA HIS A 237 24.46 22.83 9.00
C HIS A 237 25.51 21.72 9.04
N PRO A 238 26.77 22.05 9.36
CA PRO A 238 27.82 21.02 9.36
C PRO A 238 27.53 19.83 10.26
N ASP A 239 26.86 20.04 11.39
CA ASP A 239 26.53 18.97 12.31
C ASP A 239 25.06 18.83 12.62
N LYS A 240 24.23 19.83 12.31
CA LYS A 240 22.83 19.84 12.69
C LYS A 240 21.98 20.21 11.48
N TRP A 241 20.67 20.14 11.67
CA TRP A 241 19.73 20.53 10.62
C TRP A 241 18.42 20.96 11.27
N THR A 242 17.73 21.88 10.62
CA THR A 242 16.44 22.36 11.07
C THR A 242 15.73 23.05 9.91
N VAL A 243 14.45 23.34 10.11
CA VAL A 243 13.67 24.01 9.09
C VAL A 243 13.97 25.50 9.09
N GLN A 244 13.75 26.13 7.93
CA GLN A 244 13.88 27.58 7.80
C GLN A 244 12.90 28.26 8.77
N PRO A 245 13.10 29.55 9.07
CA PRO A 245 12.55 30.08 10.34
C PRO A 245 11.04 30.12 10.33
N ILE A 246 10.43 29.44 11.32
CA ILE A 246 8.98 29.34 11.42
C ILE A 246 8.51 30.48 12.32
N VAL A 247 7.93 31.50 11.70
CA VAL A 247 7.39 32.66 12.39
C VAL A 247 5.88 32.67 12.21
N LEU A 248 5.15 32.51 13.30
CA LEU A 248 3.69 32.54 13.22
C LEU A 248 3.19 33.97 13.34
N PRO A 249 2.36 34.45 12.42
CA PRO A 249 1.95 35.85 12.45
C PRO A 249 0.93 36.12 13.55
N GLU A 250 0.97 37.35 14.07
CA GLU A 250 0.00 37.83 15.03
C GLU A 250 -1.14 38.53 14.29
N LYS A 251 -2.37 38.23 14.68
CA LYS A 251 -3.53 38.77 13.99
C LYS A 251 -4.75 38.67 14.87
N ASP A 252 -5.67 39.61 14.70
CA ASP A 252 -6.97 39.57 15.35
C ASP A 252 -8.10 39.24 14.39
N SER A 253 -7.81 39.10 13.09
CA SER A 253 -8.82 38.76 12.08
C SER A 253 -8.21 37.72 11.16
N TRP A 254 -8.59 36.46 11.35
CA TRP A 254 -8.02 35.33 10.60
C TRP A 254 -9.02 34.89 9.54
N THR A 255 -8.62 34.96 8.28
CA THR A 255 -9.39 34.37 7.18
C THR A 255 -9.01 32.90 7.03
N VAL A 256 -9.73 32.19 6.16
CA VAL A 256 -9.39 30.80 5.91
C VAL A 256 -8.13 30.66 5.08
N ASN A 257 -7.68 31.73 4.41
CA ASN A 257 -6.37 31.70 3.77
C ASN A 257 -5.25 31.85 4.79
N ASP A 258 -5.48 32.68 5.81
CA ASP A 258 -4.50 32.80 6.89
C ASP A 258 -4.35 31.48 7.63
N ILE A 259 -5.46 30.78 7.88
CA ILE A 259 -5.38 29.50 8.56
C ILE A 259 -4.72 28.45 7.67
N GLN A 260 -4.88 28.58 6.35
CA GLN A 260 -4.24 27.64 5.43
C GLN A 260 -2.73 27.82 5.44
N LYS A 261 -2.26 29.06 5.26
CA LYS A 261 -0.82 29.33 5.31
C LYS A 261 -0.25 29.02 6.69
N LEU A 262 -1.06 29.18 7.74
CA LEU A 262 -0.65 28.78 9.07
C LEU A 262 -0.32 27.29 9.10
N VAL A 263 -1.36 26.46 8.90
CA VAL A 263 -1.21 25.01 9.01
C VAL A 263 -0.02 24.52 8.18
N GLY A 264 0.23 25.15 7.04
CA GLY A 264 1.41 24.80 6.26
C GLY A 264 2.70 25.02 7.02
N LYS A 265 2.75 26.05 7.86
CA LYS A 265 3.96 26.30 8.65
C LYS A 265 4.09 25.30 9.79
N LEU A 266 2.99 25.00 10.50
CA LEU A 266 3.06 24.00 11.56
C LEU A 266 3.35 22.62 11.01
N ASN A 267 2.71 22.24 9.89
CA ASN A 267 2.98 20.95 9.28
C ASN A 267 4.44 20.82 8.89
N TRP A 268 5.00 21.87 8.29
CA TRP A 268 6.42 21.86 7.93
C TRP A 268 7.30 21.87 9.18
N ALA A 269 6.91 22.62 10.21
CA ALA A 269 7.70 22.68 11.43
C ALA A 269 7.57 21.43 12.27
N SER A 270 6.47 20.68 12.11
CA SER A 270 6.23 19.50 12.95
C SER A 270 7.23 18.38 12.71
N GLN A 271 8.08 18.48 11.69
CA GLN A 271 9.07 17.43 11.45
C GLN A 271 10.32 17.61 12.31
N ILE A 272 10.45 18.71 13.05
CA ILE A 272 11.58 18.89 13.94
C ILE A 272 11.10 19.47 15.27
N TYR A 273 10.01 20.25 15.23
CA TYR A 273 9.47 20.85 16.44
C TYR A 273 8.48 19.89 17.09
N PRO A 274 8.80 19.29 18.23
CA PRO A 274 7.93 18.26 18.79
C PRO A 274 6.71 18.85 19.49
N GLY A 275 5.58 18.17 19.33
CA GLY A 275 4.35 18.54 19.99
C GLY A 275 3.42 19.45 19.20
N ILE A 276 3.66 19.63 17.90
CA ILE A 276 2.85 20.55 17.11
C ILE A 276 1.46 19.95 16.91
N LYS A 277 0.42 20.77 17.11
CA LYS A 277 -0.96 20.38 16.91
C LYS A 277 -1.60 21.28 15.87
N VAL A 278 -2.40 20.68 14.97
CA VAL A 278 -2.95 21.43 13.84
C VAL A 278 -4.42 21.14 13.59
N ARG A 279 -5.08 20.42 14.49
CA ARG A 279 -6.45 20.01 14.23
C ARG A 279 -7.45 21.12 14.53
N GLN A 280 -7.45 21.63 15.76
CA GLN A 280 -8.38 22.70 16.11
C GLN A 280 -8.24 23.89 15.17
N LEU A 281 -7.06 24.08 14.59
CA LEU A 281 -6.89 25.02 13.49
C LEU A 281 -7.36 24.47 12.15
N SER A 282 -7.36 23.14 11.98
CA SER A 282 -7.86 22.55 10.75
C SER A 282 -9.38 22.37 10.80
N LYS A 283 -9.97 22.26 11.99
CA LYS A 283 -11.42 22.17 12.09
C LYS A 283 -12.11 23.43 11.59
N LEU A 284 -11.40 24.56 11.58
CA LEU A 284 -11.93 25.81 11.05
C LEU A 284 -11.85 25.89 9.52
N LEU A 285 -11.54 24.77 8.86
CA LEU A 285 -11.46 24.72 7.41
C LEU A 285 -12.15 23.47 6.87
N ARG A 286 -13.17 22.98 7.58
CA ARG A 286 -13.77 21.68 7.23
C ARG A 286 -14.31 21.67 5.81
N GLY A 287 -15.01 22.73 5.41
CA GLY A 287 -15.58 22.77 4.07
C GLY A 287 -15.74 24.19 3.53
N THR A 288 -14.73 24.67 2.83
CA THR A 288 -14.78 26.02 2.24
C THR A 288 -13.80 26.08 1.09
N LYS A 289 -14.14 26.91 0.09
CA LYS A 289 -13.28 27.12 -1.07
C LYS A 289 -13.01 28.58 -1.38
N ALA A 290 -13.66 29.53 -0.70
CA ALA A 290 -13.37 30.94 -0.82
C ALA A 290 -12.48 31.38 0.33
N LEU A 291 -11.43 32.16 0.01
CA LEU A 291 -10.26 32.26 0.87
C LEU A 291 -10.25 33.48 1.79
N THR A 292 -11.26 34.36 1.72
CA THR A 292 -11.26 35.55 2.57
C THR A 292 -12.19 35.41 3.77
N GLU A 293 -13.12 34.44 3.75
CA GLU A 293 -14.09 34.21 4.82
C GLU A 293 -13.43 34.22 6.20
N VAL A 294 -13.52 35.35 6.90
CA VAL A 294 -12.97 35.48 8.24
C VAL A 294 -13.71 34.54 9.19
N ILE A 295 -13.02 33.49 9.63
CA ILE A 295 -13.61 32.49 10.54
C ILE A 295 -13.09 32.77 11.94
N PRO A 296 -13.96 33.02 12.92
CA PRO A 296 -13.48 33.29 14.28
C PRO A 296 -12.89 32.03 14.90
N LEU A 297 -11.78 32.23 15.62
CA LEU A 297 -11.10 31.13 16.28
C LEU A 297 -11.86 30.73 17.54
N THR A 298 -12.13 29.43 17.68
CA THR A 298 -12.70 28.93 18.92
C THR A 298 -11.69 29.06 20.05
N GLU A 299 -12.18 28.96 21.28
CA GLU A 299 -11.29 28.99 22.44
C GLU A 299 -10.30 27.84 22.39
N GLU A 300 -10.67 26.74 21.73
CA GLU A 300 -9.74 25.62 21.54
C GLU A 300 -8.75 25.87 20.42
N ALA A 301 -9.15 26.64 19.39
CA ALA A 301 -8.22 26.98 18.32
C ALA A 301 -7.17 27.99 18.78
N GLU A 302 -7.55 28.91 19.66
CA GLU A 302 -6.57 29.83 20.24
C GLU A 302 -5.62 29.08 21.17
N LEU A 303 -6.16 28.23 22.05
CA LEU A 303 -5.32 27.45 22.94
C LEU A 303 -4.34 26.57 22.17
N GLU A 304 -4.75 26.06 21.00
CA GLU A 304 -3.84 25.28 20.18
C GLU A 304 -2.78 26.15 19.53
N LEU A 305 -3.17 27.33 19.05
CA LEU A 305 -2.21 28.24 18.46
C LEU A 305 -1.19 28.72 19.49
N ALA A 306 -1.67 29.10 20.67
CA ALA A 306 -0.78 29.56 21.74
C ALA A 306 0.16 28.46 22.19
N GLU A 307 -0.30 27.21 22.20
CA GLU A 307 0.58 26.10 22.51
C GLU A 307 1.67 25.94 21.44
N ASN A 308 1.40 26.40 20.22
CA ASN A 308 2.37 26.29 19.14
C ASN A 308 3.40 27.41 19.18
N ARG A 309 2.98 28.62 19.57
CA ARG A 309 3.94 29.70 19.78
C ARG A 309 4.94 29.34 20.88
N GLU A 310 4.49 28.61 21.90
CA GLU A 310 5.39 28.17 22.96
C GLU A 310 6.39 27.15 22.45
N ILE A 311 5.96 26.28 21.54
CA ILE A 311 6.87 25.29 20.97
C ILE A 311 7.81 25.95 19.96
N LEU A 312 7.34 27.00 19.28
CA LEU A 312 8.12 27.70 18.27
C LEU A 312 8.84 28.93 18.83
N LYS A 313 8.98 29.02 20.15
CA LYS A 313 9.65 30.18 20.74
C LYS A 313 11.15 30.10 20.61
N GLU A 314 11.73 28.90 20.62
CA GLU A 314 13.16 28.71 20.53
C GLU A 314 13.49 27.72 19.43
N PRO A 315 14.55 27.96 18.66
CA PRO A 315 14.86 27.07 17.54
C PRO A 315 15.38 25.73 18.04
N VAL A 316 14.85 24.64 17.47
N VAL A 316 14.78 24.66 17.52
CA VAL A 316 15.34 23.31 17.76
CA VAL A 316 15.21 23.30 17.78
C VAL A 316 15.96 22.73 16.48
C VAL A 316 15.88 22.77 16.51
N HIS A 317 16.82 21.74 16.66
CA HIS A 317 17.59 21.17 15.56
C HIS A 317 17.56 19.65 15.60
N GLY A 318 17.69 19.06 14.41
CA GLY A 318 17.80 17.63 14.25
C GLY A 318 19.23 17.23 13.99
N VAL A 319 19.59 16.02 14.41
CA VAL A 319 20.93 15.51 14.18
C VAL A 319 20.93 14.67 12.90
N TYR A 320 22.12 14.40 12.38
CA TYR A 320 22.26 13.56 11.20
C TYR A 320 22.30 12.09 11.61
N TYR A 321 22.19 11.22 10.61
CA TYR A 321 22.02 9.79 10.86
C TYR A 321 23.36 9.11 11.09
N ASP A 322 23.49 8.44 12.22
CA ASP A 322 24.64 7.59 12.52
C ASP A 322 24.20 6.14 12.33
N PRO A 323 24.58 5.48 11.24
CA PRO A 323 24.11 4.10 11.01
C PRO A 323 24.60 3.09 12.04
N SER A 324 25.67 3.39 12.79
CA SER A 324 26.18 2.47 13.79
C SER A 324 25.30 2.43 15.05
N LYS A 325 24.42 3.40 15.24
CA LYS A 325 23.58 3.48 16.43
C LYS A 325 22.16 3.02 16.09
N ASP A 326 21.46 2.53 17.11
CA ASP A 326 20.10 2.04 16.95
C ASP A 326 19.16 3.20 16.57
N LEU A 327 18.05 2.84 15.93
CA LEU A 327 17.01 3.78 15.56
C LEU A 327 15.81 3.57 16.47
N ILE A 328 15.40 4.62 17.17
N ILE A 328 15.41 4.61 17.18
CA ILE A 328 14.33 4.53 18.16
CA ILE A 328 14.34 4.56 18.16
C ILE A 328 13.25 5.56 17.83
C ILE A 328 13.25 5.54 17.78
N ALA A 329 12.00 5.14 17.98
CA ALA A 329 10.84 6.01 17.74
C ALA A 329 9.90 5.92 18.93
N GLU A 330 9.51 7.08 19.47
CA GLU A 330 8.66 7.17 20.65
C GLU A 330 7.42 7.97 20.34
N ILE A 331 6.26 7.46 20.76
CA ILE A 331 4.97 8.08 20.45
C ILE A 331 4.30 8.52 21.74
N GLN A 332 3.56 9.62 21.66
CA GLN A 332 2.75 10.13 22.76
C GLN A 332 1.34 10.45 22.26
N LYS A 333 0.34 10.09 23.08
CA LYS A 333 -1.02 10.49 22.79
C LYS A 333 -1.24 11.94 23.21
N GLN A 334 -1.95 12.70 22.39
CA GLN A 334 -2.15 14.11 22.64
C GLN A 334 -3.62 14.53 22.73
N GLY A 335 -4.54 13.64 22.47
CA GLY A 335 -5.95 13.95 22.65
C GLY A 335 -6.63 14.37 21.36
N GLN A 336 -7.94 14.08 21.28
CA GLN A 336 -8.76 14.41 20.12
C GLN A 336 -8.19 13.78 18.84
N GLY A 337 -7.66 12.57 18.98
CA GLY A 337 -7.15 11.84 17.83
C GLY A 337 -5.81 12.30 17.31
N GLN A 338 -5.03 13.02 18.11
CA GLN A 338 -3.73 13.51 17.69
C GLN A 338 -2.63 12.71 18.35
N TRP A 339 -1.53 12.52 17.63
CA TRP A 339 -0.39 11.78 18.13
C TRP A 339 0.88 12.47 17.66
N THR A 340 1.87 12.51 18.55
CA THR A 340 3.20 13.03 18.23
C THR A 340 4.22 11.91 18.39
N TYR A 341 5.30 12.01 17.63
CA TYR A 341 6.37 11.03 17.73
C TYR A 341 7.72 11.69 17.52
N GLN A 342 8.73 11.12 18.17
CA GLN A 342 10.12 11.52 18.03
C GLN A 342 10.94 10.33 17.56
N ILE A 343 11.85 10.57 16.63
CA ILE A 343 12.76 9.55 16.12
C ILE A 343 14.18 10.00 16.41
N TYR A 344 14.94 9.17 17.11
CA TYR A 344 16.27 9.53 17.56
C TYR A 344 17.14 8.28 17.66
N GLN A 345 18.40 8.49 18.04
CA GLN A 345 19.36 7.43 18.30
C GLN A 345 20.04 7.59 19.66
N GLU A 346 20.38 8.80 20.05
CA GLU A 346 20.82 9.17 21.38
C GLU A 346 19.71 9.95 22.08
N PRO A 347 19.44 9.67 23.36
CA PRO A 347 18.36 10.37 24.06
C PRO A 347 18.51 11.89 23.97
N PHE A 348 17.43 12.54 23.52
CA PHE A 348 17.22 13.99 23.50
C PHE A 348 17.91 14.65 22.30
N LYS A 349 18.47 13.86 21.39
CA LYS A 349 19.07 14.35 20.16
C LYS A 349 18.24 13.81 19.00
N ASN A 350 17.12 14.47 18.73
CA ASN A 350 16.17 13.98 17.74
C ASN A 350 16.76 14.03 16.33
N LEU A 351 16.50 12.98 15.55
CA LEU A 351 16.74 13.05 14.11
C LEU A 351 15.63 13.85 13.43
N LYS A 352 14.38 13.54 13.78
CA LYS A 352 13.22 14.28 13.29
C LYS A 352 12.04 13.94 14.19
N THR A 353 10.99 14.73 14.06
CA THR A 353 9.73 14.49 14.75
C THR A 353 8.61 14.42 13.71
N GLY A 354 7.38 14.43 14.20
CA GLY A 354 6.23 14.38 13.31
C GLY A 354 4.96 14.16 14.10
N LYS A 355 3.86 14.04 13.36
CA LYS A 355 2.55 13.87 13.98
C LYS A 355 1.68 13.02 13.10
N TYR A 356 0.68 12.39 13.71
CA TYR A 356 -0.32 11.59 13.03
C TYR A 356 -1.70 11.98 13.54
N ALA A 357 -2.65 12.11 12.61
CA ALA A 357 -4.03 12.47 12.94
C ALA A 357 -4.94 11.28 12.68
N ARG A 358 -5.94 11.12 13.55
CA ARG A 358 -6.88 10.00 13.42
C ARG A 358 -7.63 10.09 12.10
N MET A 359 -7.89 8.93 11.50
CA MET A 359 -8.65 8.88 10.27
C MET A 359 -10.11 9.27 10.51
N ARG A 360 -10.75 9.77 9.45
CA ARG A 360 -12.14 10.15 9.53
C ARG A 360 -13.02 8.90 9.63
N GLY A 361 -13.92 8.89 10.60
CA GLY A 361 -14.80 7.76 10.80
C GLY A 361 -15.81 8.05 11.88
N ALA A 362 -16.77 7.14 12.01
CA ALA A 362 -17.82 7.30 13.00
C ALA A 362 -17.43 6.77 14.37
N HIS A 363 -16.64 5.71 14.43
CA HIS A 363 -16.21 5.11 15.68
C HIS A 363 -14.73 4.76 15.58
N THR A 364 -14.07 4.73 16.74
CA THR A 364 -12.63 4.52 16.80
C THR A 364 -12.25 4.19 18.25
N ASN A 365 -11.01 3.74 18.43
CA ASN A 365 -10.45 3.58 19.76
C ASN A 365 -8.96 3.90 19.71
N ASP A 366 -8.38 4.08 20.90
CA ASP A 366 -7.00 4.54 21.00
C ASP A 366 -6.02 3.53 20.41
N VAL A 367 -6.28 2.23 20.61
CA VAL A 367 -5.34 1.21 20.18
C VAL A 367 -5.24 1.18 18.67
N LYS A 368 -6.37 1.32 17.97
CA LYS A 368 -6.33 1.40 16.51
C LYS A 368 -5.52 2.61 16.05
N GLN A 369 -5.76 3.77 16.66
CA GLN A 369 -5.04 4.98 16.29
C GLN A 369 -3.55 4.83 16.54
N LEU A 370 -3.17 4.24 17.68
CA LEU A 370 -1.76 3.99 17.95
C LEU A 370 -1.17 3.05 16.91
N THR A 371 -1.92 2.02 16.52
CA THR A 371 -1.43 1.08 15.51
C THR A 371 -1.20 1.77 14.17
N GLU A 372 -2.14 2.63 13.75
CA GLU A 372 -1.99 3.33 12.47
C GLU A 372 -0.77 4.23 12.47
N ALA A 373 -0.55 4.96 13.58
CA ALA A 373 0.62 5.83 13.66
C ALA A 373 1.91 5.03 13.55
N VAL A 374 1.96 3.86 14.18
CA VAL A 374 3.15 3.01 14.13
C VAL A 374 3.46 2.63 12.69
N GLN A 375 2.42 2.26 11.92
CA GLN A 375 2.65 1.88 10.52
C GLN A 375 3.16 3.06 9.71
N LYS A 376 2.63 4.27 9.96
CA LYS A 376 3.08 5.43 9.22
C LYS A 376 4.54 5.76 9.54
N ILE A 377 4.92 5.68 10.82
CA ILE A 377 6.31 5.88 11.20
C ILE A 377 7.19 4.79 10.60
N THR A 378 6.70 3.55 10.60
CA THR A 378 7.42 2.45 9.98
C THR A 378 7.70 2.74 8.51
N THR A 379 6.66 3.14 7.76
CA THR A 379 6.84 3.42 6.34
C THR A 379 7.76 4.62 6.12
N GLU A 380 7.61 5.66 6.94
CA GLU A 380 8.47 6.84 6.80
C GLU A 380 9.93 6.49 7.09
N SER A 381 10.17 5.67 8.12
CA SER A 381 11.54 5.34 8.49
C SER A 381 12.23 4.48 7.44
N ILE A 382 11.48 3.57 6.82
CA ILE A 382 12.04 2.74 5.75
C ILE A 382 12.41 3.60 4.56
N VAL A 383 11.63 4.66 4.29
CA VAL A 383 11.97 5.58 3.22
C VAL A 383 13.25 6.34 3.54
N ILE A 384 13.37 6.83 4.78
CA ILE A 384 14.43 7.75 5.12
C ILE A 384 15.71 7.01 5.49
N TRP A 385 15.59 5.89 6.22
CA TRP A 385 16.75 5.17 6.70
C TRP A 385 16.86 3.73 6.22
N GLY A 386 15.82 3.19 5.59
CA GLY A 386 15.88 1.82 5.12
C GLY A 386 15.71 0.77 6.17
N LYS A 387 15.16 1.13 7.34
CA LYS A 387 14.95 0.16 8.40
C LYS A 387 13.83 0.66 9.30
N THR A 388 13.20 -0.29 9.99
CA THR A 388 12.17 -0.01 10.98
C THR A 388 12.82 0.33 12.32
N PRO A 389 12.36 1.40 12.99
CA PRO A 389 12.93 1.75 14.29
C PRO A 389 12.32 0.91 15.40
N LYS A 390 13.05 0.86 16.51
CA LYS A 390 12.51 0.29 17.74
C LYS A 390 11.54 1.28 18.36
N PHE A 391 10.35 0.79 18.70
CA PHE A 391 9.28 1.67 19.17
C PHE A 391 9.22 1.69 20.69
N LYS A 392 8.93 2.87 21.24
CA LYS A 392 8.60 3.03 22.65
C LYS A 392 7.19 3.63 22.71
N LEU A 393 6.22 2.81 23.09
CA LEU A 393 4.82 3.19 23.01
C LEU A 393 4.20 3.27 24.40
N PRO A 394 3.27 4.19 24.62
CA PRO A 394 2.59 4.31 25.93
C PRO A 394 1.44 3.33 26.10
N ILE A 395 1.77 2.04 26.08
CA ILE A 395 0.78 0.99 26.26
C ILE A 395 1.45 -0.19 26.95
N GLN A 396 0.81 -0.72 27.98
CA GLN A 396 1.35 -1.87 28.69
C GLN A 396 1.43 -3.07 27.77
N LYS A 397 2.44 -3.92 28.01
CA LYS A 397 2.56 -5.15 27.25
C LYS A 397 1.36 -6.05 27.45
N GLU A 398 0.77 -6.02 28.65
CA GLU A 398 -0.42 -6.84 28.91
C GLU A 398 -1.63 -6.29 28.15
N THR A 399 -1.72 -4.96 28.02
CA THR A 399 -2.83 -4.36 27.29
C THR A 399 -2.80 -4.77 25.82
N TRP A 400 -1.64 -4.63 25.18
CA TRP A 400 -1.53 -4.96 23.77
C TRP A 400 -1.79 -6.44 23.52
N GLU A 401 -1.30 -7.31 24.41
CA GLU A 401 -1.51 -8.75 24.25
C GLU A 401 -3.00 -9.09 24.33
N THR A 402 -3.69 -8.53 25.32
CA THR A 402 -5.13 -8.76 25.42
C THR A 402 -5.87 -8.21 24.21
N TRP A 403 -5.37 -7.11 23.64
CA TRP A 403 -6.03 -6.50 22.49
C TRP A 403 -5.94 -7.38 21.25
N TRP A 404 -4.71 -7.68 20.79
CA TRP A 404 -4.56 -8.35 19.50
C TRP A 404 -5.01 -9.81 19.58
N THR A 405 -4.92 -10.45 20.75
CA THR A 405 -5.38 -11.82 20.86
C THR A 405 -6.90 -11.92 20.76
N GLU A 406 -7.62 -10.91 21.24
CA GLU A 406 -9.08 -10.91 21.22
C GLU A 406 -9.67 -10.10 20.06
N TYR A 407 -8.85 -9.30 19.38
CA TYR A 407 -9.35 -8.51 18.26
C TYR A 407 -9.77 -9.41 17.10
N TRP A 408 -10.88 -9.05 16.45
CA TRP A 408 -11.37 -9.87 15.35
C TRP A 408 -10.52 -9.75 14.10
N GLN A 409 -9.78 -8.66 13.96
CA GLN A 409 -8.88 -8.50 12.82
C GLN A 409 -7.48 -8.99 13.16
N ALA A 410 -6.69 -9.22 12.12
CA ALA A 410 -5.27 -9.46 12.29
C ALA A 410 -4.55 -8.12 12.42
N THR A 411 -3.72 -7.98 13.45
CA THR A 411 -2.96 -6.76 13.66
C THR A 411 -1.59 -7.13 14.24
N TRP A 412 -0.63 -6.22 14.04
N TRP A 412 -0.64 -6.22 14.03
CA TRP A 412 0.72 -6.47 14.52
CA TRP A 412 0.75 -6.47 14.40
C TRP A 412 1.49 -5.16 14.55
C TRP A 412 1.48 -5.14 14.46
N ILE A 413 2.32 -5.00 15.58
N ILE A 413 2.30 -4.98 15.50
CA ILE A 413 3.23 -3.86 15.72
CA ILE A 413 3.22 -3.85 15.56
C ILE A 413 4.64 -4.41 15.77
C ILE A 413 4.63 -4.39 15.73
N PRO A 414 5.62 -3.80 15.08
CA PRO A 414 6.99 -4.32 15.17
C PRO A 414 7.60 -4.15 16.56
N GLU A 415 8.89 -4.46 16.69
CA GLU A 415 9.56 -4.48 17.99
C GLU A 415 9.30 -3.20 18.76
N TRP A 416 8.79 -3.35 19.98
CA TRP A 416 8.37 -2.21 20.79
C TRP A 416 8.50 -2.56 22.27
N GLU A 417 8.73 -1.54 23.08
CA GLU A 417 8.76 -1.68 24.53
C GLU A 417 7.95 -0.57 25.17
N PHE A 418 7.38 -0.87 26.33
CA PHE A 418 6.48 0.07 26.99
C PHE A 418 7.24 1.23 27.62
N VAL A 419 6.75 2.44 27.42
CA VAL A 419 7.27 3.63 28.06
C VAL A 419 6.15 4.25 28.90
N ASN A 420 6.46 4.53 30.17
CA ASN A 420 5.44 4.99 31.12
C ASN A 420 5.31 6.51 31.00
N THR A 421 4.78 6.94 29.86
CA THR A 421 4.49 8.35 29.61
C THR A 421 2.99 8.53 29.49
N PRO A 422 2.30 8.95 30.54
CA PRO A 422 0.86 9.19 30.46
C PRO A 422 0.55 10.30 29.47
N PRO A 423 -0.66 10.31 28.87
CA PRO A 423 -1.76 9.36 29.10
C PRO A 423 -1.54 8.01 28.42
N LEU A 424 -1.68 6.93 29.19
CA LEU A 424 -1.45 5.59 28.69
C LEU A 424 -2.65 5.09 27.90
N VAL A 425 -2.37 4.38 26.82
CA VAL A 425 -3.42 3.75 26.02
C VAL A 425 -3.87 2.48 26.75
N LYS A 426 -5.18 2.36 26.97
CA LYS A 426 -5.73 1.25 27.72
C LYS A 426 -7.02 0.77 27.05
N LEU A 427 -7.42 -0.45 27.42
CA LEU A 427 -8.72 -0.98 27.03
C LEU A 427 -9.74 -0.56 28.07
N TRP A 428 -10.78 0.16 27.61
CA TRP A 428 -11.77 0.69 28.53
C TRP A 428 -12.86 -0.30 28.89
N TYR A 429 -13.05 -1.34 28.08
CA TYR A 429 -14.00 -2.39 28.43
C TYR A 429 -13.65 -3.64 27.65
N GLN A 430 -14.13 -4.78 28.15
CA GLN A 430 -13.92 -6.08 27.53
C GLN A 430 -15.16 -6.93 27.76
N LEU A 431 -15.82 -7.32 26.67
CA LEU A 431 -17.01 -8.14 26.79
C LEU A 431 -16.64 -9.57 27.20
N GLU A 432 -17.60 -10.25 27.80
CA GLU A 432 -17.40 -11.64 28.19
C GLU A 432 -17.46 -12.55 26.98
N LYS A 433 -16.85 -13.74 27.13
CA LYS A 433 -16.92 -14.75 26.10
C LYS A 433 -18.07 -15.73 26.31
N GLU A 434 -18.55 -15.87 27.54
CA GLU A 434 -19.63 -16.77 27.90
C GLU A 434 -20.66 -15.99 28.72
N PRO A 435 -21.90 -16.46 28.76
CA PRO A 435 -22.90 -15.83 29.63
C PRO A 435 -22.47 -15.89 31.09
N ILE A 436 -22.92 -14.90 31.86
CA ILE A 436 -22.54 -14.77 33.26
C ILE A 436 -23.59 -15.43 34.13
N VAL A 437 -23.14 -16.31 35.02
CA VAL A 437 -24.04 -16.99 35.94
C VAL A 437 -24.45 -16.03 37.05
N GLY A 438 -25.74 -16.02 37.38
CA GLY A 438 -26.25 -15.14 38.42
C GLY A 438 -26.51 -13.71 38.00
N ALA A 439 -26.05 -13.30 36.82
CA ALA A 439 -26.29 -11.95 36.34
C ALA A 439 -27.63 -11.87 35.62
N GLU A 440 -28.33 -10.76 35.83
CA GLU A 440 -29.64 -10.57 35.23
C GLU A 440 -29.53 -10.49 33.71
N THR A 441 -30.45 -11.15 33.02
CA THR A 441 -30.45 -11.22 31.57
C THR A 441 -31.46 -10.21 31.01
N PHE A 442 -30.97 -9.24 30.25
CA PHE A 442 -31.79 -8.17 29.69
C PHE A 442 -32.03 -8.46 28.21
N TYR A 443 -33.29 -8.74 27.85
CA TYR A 443 -33.70 -8.86 26.45
C TYR A 443 -34.17 -7.49 25.98
N VAL A 444 -33.43 -6.89 25.04
CA VAL A 444 -33.70 -5.53 24.59
C VAL A 444 -34.17 -5.56 23.14
N ASP A 445 -34.88 -4.50 22.76
CA ASP A 445 -35.26 -4.28 21.37
C ASP A 445 -35.73 -2.84 21.20
N GLY A 446 -35.59 -2.34 19.97
CA GLY A 446 -36.12 -1.05 19.61
C GLY A 446 -36.85 -1.14 18.27
N ALA A 447 -37.59 -0.08 17.97
CA ALA A 447 -38.36 -0.02 16.73
C ALA A 447 -38.84 1.40 16.52
N ALA A 448 -38.84 1.85 15.27
CA ALA A 448 -39.32 3.17 14.91
C ALA A 448 -40.21 3.07 13.68
N ASN A 449 -40.98 4.14 13.45
CA ASN A 449 -41.85 4.24 12.30
C ASN A 449 -41.17 5.10 11.25
N ARG A 450 -41.01 4.57 10.04
CA ARG A 450 -40.22 5.24 9.01
C ARG A 450 -40.79 6.61 8.66
N GLU A 451 -42.12 6.74 8.69
CA GLU A 451 -42.75 7.99 8.24
C GLU A 451 -42.76 9.05 9.32
N THR A 452 -43.40 8.77 10.45
CA THR A 452 -43.57 9.77 11.50
C THR A 452 -42.35 9.91 12.41
N LYS A 453 -41.36 9.02 12.28
CA LYS A 453 -40.12 9.04 13.05
C LYS A 453 -40.35 8.79 14.54
N LEU A 454 -41.52 8.28 14.92
CA LEU A 454 -41.80 7.89 16.29
C LEU A 454 -41.32 6.47 16.54
N GLY A 455 -40.82 6.21 17.75
CA GLY A 455 -40.27 4.91 18.06
C GLY A 455 -40.34 4.60 19.53
N LYS A 456 -39.92 3.36 19.85
CA LYS A 456 -39.91 2.88 21.23
C LYS A 456 -38.65 2.03 21.43
N ALA A 457 -38.08 2.12 22.63
CA ALA A 457 -36.94 1.30 23.02
C ALA A 457 -37.14 0.83 24.45
N GLY A 458 -36.73 -0.39 24.73
CA GLY A 458 -36.91 -0.93 26.06
C GLY A 458 -36.37 -2.34 26.19
N TYR A 459 -36.74 -2.99 27.28
CA TYR A 459 -36.22 -4.31 27.61
C TYR A 459 -37.21 -5.07 28.48
N VAL A 460 -37.01 -6.38 28.56
CA VAL A 460 -37.60 -7.24 29.58
C VAL A 460 -36.50 -8.16 30.09
N THR A 461 -36.56 -8.49 31.37
CA THR A 461 -35.52 -9.29 32.01
C THR A 461 -36.11 -10.52 32.67
N ASN A 462 -35.22 -11.45 33.05
CA ASN A 462 -35.64 -12.71 33.65
C ASN A 462 -36.19 -12.53 35.07
N LYS A 463 -35.91 -11.40 35.71
CA LYS A 463 -36.43 -11.12 37.04
C LYS A 463 -37.77 -10.38 37.00
N GLY A 464 -38.37 -10.24 35.83
CA GLY A 464 -39.60 -9.49 35.68
C GLY A 464 -39.42 -8.00 35.48
N ARG A 465 -38.18 -7.51 35.52
CA ARG A 465 -37.94 -6.09 35.27
C ARG A 465 -38.25 -5.75 33.82
N GLN A 466 -38.91 -4.61 33.63
CA GLN A 466 -39.34 -4.18 32.30
C GLN A 466 -39.21 -2.67 32.19
N LYS A 467 -39.06 -2.21 30.94
CA LYS A 467 -39.14 -0.79 30.64
C LYS A 467 -39.39 -0.63 29.14
N VAL A 468 -40.26 0.31 28.79
CA VAL A 468 -40.44 0.77 27.41
C VAL A 468 -40.51 2.28 27.45
N VAL A 469 -39.71 2.93 26.60
CA VAL A 469 -39.60 4.38 26.57
C VAL A 469 -40.01 4.86 25.18
N PRO A 470 -40.91 5.84 25.07
CA PRO A 470 -41.27 6.38 23.76
C PRO A 470 -40.25 7.41 23.29
N LEU A 471 -40.07 7.45 21.96
CA LEU A 471 -39.05 8.31 21.37
C LEU A 471 -39.63 9.05 20.18
N THR A 472 -39.12 10.26 19.95
CA THR A 472 -39.49 11.08 18.81
C THR A 472 -38.24 11.42 18.01
N ASN A 473 -38.40 11.58 16.70
CA ASN A 473 -37.30 11.86 15.78
C ASN A 473 -36.19 10.83 15.97
N THR A 474 -36.50 9.61 15.53
CA THR A 474 -35.62 8.47 15.72
C THR A 474 -35.80 7.51 14.56
N THR A 475 -34.89 6.54 14.47
CA THR A 475 -34.91 5.53 13.43
C THR A 475 -34.80 4.15 14.07
N ASN A 476 -34.90 3.13 13.22
CA ASN A 476 -34.78 1.76 13.70
C ASN A 476 -33.43 1.52 14.36
N GLN A 477 -32.36 1.97 13.70
CA GLN A 477 -31.01 1.75 14.23
C GLN A 477 -30.79 2.54 15.52
N LYS A 478 -31.43 3.70 15.68
CA LYS A 478 -31.21 4.49 16.88
C LYS A 478 -31.93 3.89 18.08
N THR A 479 -33.15 3.37 17.88
CA THR A 479 -33.86 2.74 18.98
C THR A 479 -33.20 1.44 19.39
N GLU A 480 -32.52 0.77 18.47
CA GLU A 480 -31.79 -0.45 18.81
C GLU A 480 -30.62 -0.15 19.74
N LEU A 481 -29.92 0.97 19.51
CA LEU A 481 -28.86 1.37 20.42
C LEU A 481 -29.42 1.87 21.74
N GLN A 482 -30.53 2.60 21.69
CA GLN A 482 -31.14 3.13 22.92
C GLN A 482 -31.55 2.00 23.86
N ALA A 483 -32.09 0.91 23.31
CA ALA A 483 -32.53 -0.21 24.14
C ALA A 483 -31.36 -0.81 24.90
N ILE A 484 -30.22 -1.00 24.24
CA ILE A 484 -29.04 -1.50 24.92
C ILE A 484 -28.58 -0.52 26.00
N TYR A 485 -28.65 0.78 25.70
CA TYR A 485 -28.27 1.79 26.69
C TYR A 485 -29.15 1.72 27.92
N LEU A 486 -30.45 1.48 27.73
CA LEU A 486 -31.36 1.39 28.87
C LEU A 486 -31.03 0.19 29.74
N ALA A 487 -30.70 -0.96 29.12
CA ALA A 487 -30.33 -2.14 29.89
C ALA A 487 -29.05 -1.90 30.66
N LEU A 488 -28.07 -1.24 30.05
CA LEU A 488 -26.85 -0.89 30.76
C LEU A 488 -27.13 0.09 31.89
N GLN A 489 -28.05 1.02 31.67
CA GLN A 489 -28.37 2.02 32.68
C GLN A 489 -29.03 1.40 33.90
N ASP A 490 -29.87 0.39 33.69
CA ASP A 490 -30.75 -0.11 34.74
C ASP A 490 -30.31 -1.44 35.33
N SER A 491 -29.12 -1.93 34.99
CA SER A 491 -28.66 -3.23 35.47
C SER A 491 -27.54 -3.05 36.49
N GLY A 492 -27.23 -4.15 37.18
CA GLY A 492 -26.14 -4.16 38.12
C GLY A 492 -24.79 -4.17 37.43
N LEU A 493 -23.76 -4.46 38.23
CA LEU A 493 -22.39 -4.45 37.72
C LEU A 493 -22.12 -5.59 36.75
N GLU A 494 -22.90 -6.67 36.81
CA GLU A 494 -22.79 -7.79 35.89
C GLU A 494 -24.14 -8.00 35.22
N VAL A 495 -24.15 -8.09 33.90
CA VAL A 495 -25.40 -8.14 33.14
C VAL A 495 -25.19 -8.88 31.83
N ASN A 496 -26.12 -9.75 31.51
CA ASN A 496 -26.24 -10.35 30.18
C ASN A 496 -27.26 -9.56 29.37
N ILE A 497 -26.91 -9.22 28.14
CA ILE A 497 -27.77 -8.44 27.26
C ILE A 497 -28.01 -9.24 25.98
N VAL A 498 -29.28 -9.43 25.64
CA VAL A 498 -29.68 -10.15 24.43
C VAL A 498 -30.32 -9.16 23.48
N THR A 499 -29.80 -9.10 22.25
CA THR A 499 -30.31 -8.19 21.23
C THR A 499 -30.41 -8.95 19.90
N ASP A 500 -31.23 -8.42 19.01
CA ASP A 500 -31.30 -8.91 17.64
C ASP A 500 -30.72 -7.92 16.64
N SER A 501 -30.14 -6.83 17.12
CA SER A 501 -29.64 -5.76 16.26
C SER A 501 -28.27 -6.14 15.73
N GLN A 502 -28.21 -6.60 14.48
CA GLN A 502 -26.92 -6.78 13.82
C GLN A 502 -26.17 -5.46 13.70
N TYR A 503 -26.90 -4.35 13.63
CA TYR A 503 -26.27 -3.04 13.55
C TYR A 503 -25.51 -2.71 14.83
N ALA A 504 -26.17 -2.88 15.98
CA ALA A 504 -25.54 -2.56 17.25
C ALA A 504 -24.36 -3.50 17.52
N LEU A 505 -24.50 -4.78 17.22
CA LEU A 505 -23.41 -5.72 17.43
C LEU A 505 -22.19 -5.34 16.59
N GLY A 506 -22.41 -4.94 15.33
CA GLY A 506 -21.29 -4.54 14.49
C GLY A 506 -20.52 -3.37 15.04
N ILE A 507 -21.18 -2.48 15.78
CA ILE A 507 -20.49 -1.34 16.37
C ILE A 507 -19.72 -1.77 17.61
N ILE A 508 -20.35 -2.56 18.47
CA ILE A 508 -19.73 -2.91 19.75
C ILE A 508 -18.61 -3.94 19.53
N GLN A 509 -18.80 -4.85 18.58
CA GLN A 509 -17.72 -5.79 18.26
C GLN A 509 -16.50 -5.09 17.67
N ALA A 510 -16.68 -3.86 17.15
CA ALA A 510 -15.55 -3.06 16.71
C ALA A 510 -14.80 -2.42 17.87
N GLN A 511 -15.30 -2.56 19.09
CA GLN A 511 -14.65 -2.06 20.29
C GLN A 511 -14.23 -0.59 20.22
N PRO A 512 -15.18 0.33 20.06
CA PRO A 512 -14.83 1.76 20.13
C PRO A 512 -14.83 2.28 21.55
N ASP A 513 -13.95 3.25 21.80
CA ASP A 513 -13.96 3.99 23.05
C ASP A 513 -14.42 5.43 22.89
N LYS A 514 -14.65 5.87 21.66
CA LYS A 514 -15.15 7.21 21.37
C LYS A 514 -15.87 7.17 20.05
N SER A 515 -16.91 7.99 19.92
CA SER A 515 -17.78 7.94 18.76
C SER A 515 -18.25 9.33 18.38
N GLU A 516 -18.55 9.51 17.10
CA GLU A 516 -19.27 10.69 16.65
C GLU A 516 -20.75 10.61 16.98
N SER A 517 -21.26 9.42 17.30
CA SER A 517 -22.64 9.23 17.71
C SER A 517 -22.72 9.41 19.22
N GLU A 518 -23.37 10.49 19.65
CA GLU A 518 -23.52 10.78 21.07
C GLU A 518 -24.17 9.62 21.82
N LEU A 519 -25.02 8.82 21.14
CA LEU A 519 -25.65 7.70 21.80
C LEU A 519 -24.67 6.55 21.99
N VAL A 520 -23.80 6.31 21.01
CA VAL A 520 -22.77 5.28 21.17
C VAL A 520 -21.82 5.66 22.29
N ASN A 521 -21.46 6.95 22.37
CA ASN A 521 -20.59 7.41 23.45
C ASN A 521 -21.21 7.16 24.81
N GLN A 522 -22.53 7.34 24.92
CA GLN A 522 -23.22 7.07 26.18
C GLN A 522 -23.17 5.59 26.53
N ILE A 523 -23.36 4.72 25.54
CA ILE A 523 -23.24 3.29 25.77
C ILE A 523 -21.83 2.93 26.24
N ILE A 524 -20.82 3.57 25.65
CA ILE A 524 -19.44 3.30 26.04
C ILE A 524 -19.21 3.71 27.49
N GLU A 525 -19.72 4.87 27.88
CA GLU A 525 -19.59 5.31 29.28
C GLU A 525 -20.25 4.32 30.23
N GLN A 526 -21.31 3.63 29.77
CA GLN A 526 -21.96 2.64 30.62
C GLN A 526 -21.17 1.34 30.70
N LEU A 527 -20.57 0.92 29.58
CA LEU A 527 -19.76 -0.30 29.59
C LEU A 527 -18.55 -0.14 30.49
N ILE A 528 -17.94 1.05 30.50
CA ILE A 528 -16.77 1.30 31.33
C ILE A 528 -17.11 1.10 32.80
N LYS A 529 -18.31 1.51 33.21
CA LYS A 529 -18.71 1.41 34.60
C LYS A 529 -18.99 -0.03 35.03
N LYS A 530 -19.31 -0.90 34.08
CA LYS A 530 -19.74 -2.26 34.43
C LYS A 530 -18.54 -3.09 34.87
N GLU A 531 -18.84 -4.33 35.29
CA GLU A 531 -17.85 -5.35 35.62
C GLU A 531 -17.75 -6.42 34.54
N LYS A 532 -18.88 -7.02 34.20
CA LYS A 532 -18.96 -8.07 33.19
C LYS A 532 -20.17 -7.79 32.31
N VAL A 533 -19.95 -7.66 31.01
CA VAL A 533 -21.02 -7.49 30.04
C VAL A 533 -20.90 -8.59 29.00
N TYR A 534 -21.91 -9.45 28.92
CA TYR A 534 -21.99 -10.48 27.89
C TYR A 534 -23.08 -10.05 26.90
N LEU A 535 -22.67 -9.76 25.67
CA LEU A 535 -23.59 -9.33 24.63
C LEU A 535 -23.87 -10.50 23.70
N ALA A 536 -25.12 -10.94 23.66
CA ALA A 536 -25.55 -12.08 22.87
C ALA A 536 -26.48 -11.63 21.76
N TRP A 537 -26.37 -12.26 20.59
CA TRP A 537 -27.17 -11.93 19.43
C TRP A 537 -28.12 -13.08 19.10
N VAL A 538 -29.32 -12.73 18.69
CA VAL A 538 -30.31 -13.70 18.23
C VAL A 538 -30.96 -13.16 16.96
N PRO A 539 -31.43 -13.99 16.04
CA PRO A 539 -32.17 -13.47 14.89
C PRO A 539 -33.56 -13.02 15.29
N ALA A 540 -34.05 -12.01 14.59
CA ALA A 540 -35.34 -11.40 14.92
C ALA A 540 -36.48 -12.16 14.26
N HIS A 541 -37.67 -12.01 14.86
CA HIS A 541 -38.92 -12.55 14.31
C HIS A 541 -38.84 -14.07 14.12
N LYS A 542 -38.27 -14.77 15.09
CA LYS A 542 -38.16 -16.22 15.04
C LYS A 542 -38.77 -16.91 16.25
N GLY A 543 -39.47 -16.16 17.10
CA GLY A 543 -40.13 -16.77 18.24
C GLY A 543 -39.27 -16.95 19.46
N ILE A 544 -38.07 -16.36 19.49
CA ILE A 544 -37.24 -16.44 20.68
C ILE A 544 -37.91 -15.65 21.80
N GLY A 545 -38.29 -16.36 22.86
CA GLY A 545 -38.89 -15.69 23.99
C GLY A 545 -37.98 -14.67 24.63
N GLY A 546 -38.59 -13.70 25.30
CA GLY A 546 -37.85 -12.55 25.77
C GLY A 546 -37.65 -11.56 24.64
N ASN A 547 -37.06 -12.03 23.54
CA ASN A 547 -36.98 -11.22 22.34
C ASN A 547 -38.35 -11.02 21.72
N GLU A 548 -39.19 -12.05 21.70
CA GLU A 548 -40.53 -11.93 21.14
C GLU A 548 -41.41 -11.02 21.99
N GLN A 549 -41.27 -11.08 23.31
CA GLN A 549 -42.10 -10.28 24.20
C GLN A 549 -41.77 -8.80 24.08
N VAL A 550 -40.49 -8.47 23.97
CA VAL A 550 -40.09 -7.06 23.90
C VAL A 550 -40.14 -6.51 22.47
N ASP A 551 -40.14 -7.38 21.45
CA ASP A 551 -40.33 -6.91 20.09
C ASP A 551 -41.75 -6.39 19.88
N LYS A 552 -42.74 -7.08 20.47
CA LYS A 552 -44.11 -6.62 20.36
C LYS A 552 -44.36 -5.39 21.23
N LEU A 553 -43.64 -5.26 22.35
CA LEU A 553 -43.81 -4.11 23.23
C LEU A 553 -43.32 -2.82 22.58
N VAL A 554 -42.29 -2.91 21.74
CA VAL A 554 -41.72 -1.71 21.13
C VAL A 554 -42.24 -1.45 19.72
N SER A 555 -42.86 -2.45 19.07
CA SER A 555 -43.46 -2.26 17.75
C SER A 555 -44.91 -1.85 17.93
N ALA A 556 -45.11 -0.56 18.14
CA ALA A 556 -46.43 0.02 18.40
C ALA A 556 -47.11 -0.64 19.59
N PRO B 5 16.19 -19.93 -29.76
CA PRO B 5 14.91 -19.25 -29.98
C PRO B 5 15.09 -17.80 -30.38
N ILE B 6 15.72 -17.60 -31.54
CA ILE B 6 15.98 -16.25 -32.01
C ILE B 6 14.68 -15.47 -32.20
N GLU B 7 13.62 -16.14 -32.65
CA GLU B 7 12.39 -15.42 -32.99
C GLU B 7 11.62 -15.05 -31.74
N THR B 8 11.22 -13.78 -31.65
CA THR B 8 10.44 -13.32 -30.53
C THR B 8 8.96 -13.39 -30.89
N VAL B 9 8.15 -13.76 -29.92
CA VAL B 9 6.70 -13.82 -30.13
C VAL B 9 6.14 -12.40 -30.01
N PRO B 10 5.35 -11.94 -30.98
CA PRO B 10 4.78 -10.58 -30.89
C PRO B 10 3.76 -10.49 -29.77
N VAL B 11 4.04 -9.60 -28.81
CA VAL B 11 3.14 -9.35 -27.69
C VAL B 11 2.65 -7.91 -27.77
N LYS B 12 1.40 -7.70 -27.36
CA LYS B 12 0.80 -6.38 -27.32
C LYS B 12 -0.12 -6.29 -26.11
N LEU B 13 -0.28 -5.07 -25.61
CA LEU B 13 -1.27 -4.77 -24.59
C LEU B 13 -2.67 -4.89 -25.19
N LYS B 14 -3.67 -4.71 -24.34
CA LYS B 14 -5.05 -4.64 -24.78
C LYS B 14 -5.34 -3.24 -25.36
N PRO B 15 -6.41 -3.09 -26.14
CA PRO B 15 -6.65 -1.81 -26.81
C PRO B 15 -6.91 -0.68 -25.83
N GLY B 16 -6.31 0.47 -26.10
CA GLY B 16 -6.54 1.66 -25.30
C GLY B 16 -5.92 1.65 -23.93
N MET B 17 -4.94 0.77 -23.68
CA MET B 17 -4.27 0.70 -22.39
C MET B 17 -2.79 0.96 -22.56
N ASP B 18 -2.27 1.92 -21.79
CA ASP B 18 -0.85 2.15 -21.71
C ASP B 18 -0.20 1.08 -20.82
N GLY B 19 1.13 1.05 -20.84
CA GLY B 19 1.88 0.15 -19.99
C GLY B 19 1.68 0.48 -18.53
N PRO B 20 2.17 -0.38 -17.65
CA PRO B 20 2.01 -0.13 -16.21
C PRO B 20 2.84 1.07 -15.75
N LYS B 21 2.27 1.84 -14.83
CA LYS B 21 2.94 2.97 -14.21
C LYS B 21 2.67 2.91 -12.70
N VAL B 22 3.25 1.91 -12.05
CA VAL B 22 3.01 1.64 -10.64
C VAL B 22 4.19 2.15 -9.83
N LYS B 23 3.90 2.83 -8.73
CA LYS B 23 4.95 3.34 -7.85
C LYS B 23 5.71 2.19 -7.20
N GLN B 24 7.01 2.38 -7.01
CA GLN B 24 7.82 1.44 -6.25
C GLN B 24 7.71 1.80 -4.77
N TRP B 25 7.25 0.86 -3.95
CA TRP B 25 7.11 1.10 -2.54
C TRP B 25 8.47 1.01 -1.85
N PRO B 26 8.61 1.60 -0.66
CA PRO B 26 9.92 1.60 0.00
C PRO B 26 10.42 0.19 0.32
N LEU B 27 11.73 0.04 0.25
CA LEU B 27 12.40 -1.22 0.56
C LEU B 27 13.44 -0.99 1.65
N THR B 28 13.67 -2.02 2.46
CA THR B 28 14.71 -1.95 3.46
C THR B 28 16.09 -1.98 2.78
N GLU B 29 17.11 -1.64 3.56
CA GLU B 29 18.47 -1.63 3.03
C GLU B 29 18.88 -3.01 2.55
N GLU B 30 18.61 -4.04 3.37
CA GLU B 30 19.05 -5.39 3.03
C GLU B 30 18.37 -5.91 1.77
N LYS B 31 17.15 -5.45 1.49
CA LYS B 31 16.48 -5.86 0.26
C LYS B 31 16.97 -5.07 -0.95
N ILE B 32 17.30 -3.80 -0.75
CA ILE B 32 17.92 -3.02 -1.83
C ILE B 32 19.28 -3.61 -2.18
N LYS B 33 20.11 -3.87 -1.18
CA LYS B 33 21.42 -4.46 -1.42
C LYS B 33 21.30 -5.82 -2.10
N ALA B 34 20.35 -6.64 -1.66
CA ALA B 34 20.11 -7.92 -2.31
C ALA B 34 19.75 -7.74 -3.77
N LEU B 35 18.78 -6.87 -4.05
CA LEU B 35 18.35 -6.64 -5.43
C LEU B 35 19.48 -6.11 -6.29
N VAL B 36 20.38 -5.31 -5.72
CA VAL B 36 21.51 -4.79 -6.50
C VAL B 36 22.42 -5.93 -6.93
N GLU B 37 22.70 -6.87 -6.02
CA GLU B 37 23.56 -8.00 -6.36
C GLU B 37 22.92 -8.88 -7.43
N ILE B 38 21.64 -9.23 -7.24
CA ILE B 38 20.95 -10.08 -8.20
C ILE B 38 20.91 -9.42 -9.58
N CYS B 39 20.61 -8.12 -9.62
CA CYS B 39 20.46 -7.44 -10.91
C CYS B 39 21.81 -7.19 -11.56
N THR B 40 22.88 -7.06 -10.77
CA THR B 40 24.21 -6.90 -11.35
C THR B 40 24.62 -8.13 -12.12
N GLU B 41 24.33 -9.33 -11.59
CA GLU B 41 24.62 -10.56 -12.31
C GLU B 41 23.67 -10.74 -13.50
N MET B 42 22.39 -10.45 -13.29
CA MET B 42 21.42 -10.59 -14.38
C MET B 42 21.77 -9.70 -15.56
N GLU B 43 22.24 -8.48 -15.29
CA GLU B 43 22.70 -7.60 -16.36
C GLU B 43 23.94 -8.15 -17.04
N LYS B 44 24.81 -8.82 -16.28
CA LYS B 44 26.00 -9.43 -16.88
C LYS B 44 25.65 -10.62 -17.76
N GLU B 45 24.55 -11.30 -17.46
CA GLU B 45 24.07 -12.41 -18.26
C GLU B 45 23.11 -11.97 -19.35
N GLY B 46 22.89 -10.66 -19.51
CA GLY B 46 22.06 -10.16 -20.58
C GLY B 46 20.57 -10.33 -20.38
N LYS B 47 20.13 -10.78 -19.19
CA LYS B 47 18.70 -10.96 -18.95
C LYS B 47 17.99 -9.63 -18.80
N ILE B 48 18.69 -8.61 -18.31
CA ILE B 48 18.15 -7.26 -18.14
C ILE B 48 19.19 -6.25 -18.59
N SER B 49 18.73 -5.04 -18.89
CA SER B 49 19.60 -3.97 -19.36
C SER B 49 19.13 -2.64 -18.80
N LYS B 50 20.08 -1.75 -18.58
CA LYS B 50 19.77 -0.40 -18.13
C LYS B 50 18.90 0.32 -19.15
N ILE B 51 18.03 1.21 -18.66
CA ILE B 51 17.15 1.99 -19.51
C ILE B 51 17.28 3.46 -19.12
N GLY B 52 16.73 4.32 -19.98
CA GLY B 52 16.83 5.74 -19.79
C GLY B 52 15.52 6.38 -19.37
N PRO B 53 15.47 7.71 -19.37
CA PRO B 53 14.25 8.41 -18.93
C PRO B 53 13.12 8.38 -19.93
N GLU B 54 13.39 8.00 -21.19
CA GLU B 54 12.33 7.90 -22.19
C GLU B 54 11.40 6.72 -21.94
N ASN B 55 11.65 5.94 -20.90
CA ASN B 55 10.76 4.86 -20.50
C ASN B 55 9.98 5.31 -19.27
N PRO B 56 8.70 5.62 -19.39
CA PRO B 56 7.92 6.09 -18.23
C PRO B 56 7.27 4.99 -17.41
N TYR B 57 7.39 3.73 -17.84
CA TYR B 57 6.71 2.63 -17.18
C TYR B 57 7.50 2.14 -15.98
N ASN B 58 6.80 1.52 -15.03
CA ASN B 58 7.44 0.95 -13.86
C ASN B 58 6.56 -0.14 -13.29
N THR B 59 7.20 -1.20 -12.78
CA THR B 59 6.53 -2.29 -12.10
C THR B 59 7.26 -2.55 -10.80
N PRO B 60 6.58 -2.65 -9.67
CA PRO B 60 7.27 -2.77 -8.38
C PRO B 60 8.08 -4.05 -8.28
N VAL B 61 9.13 -3.98 -7.45
N VAL B 61 9.15 -3.97 -7.49
CA VAL B 61 10.04 -5.10 -7.24
CA VAL B 61 10.02 -5.11 -7.23
C VAL B 61 10.45 -5.12 -5.77
C VAL B 61 10.37 -5.13 -5.76
N PHE B 62 10.68 -6.33 -5.25
CA PHE B 62 11.16 -6.50 -3.89
C PHE B 62 11.90 -7.84 -3.83
N ALA B 63 12.30 -8.24 -2.63
CA ALA B 63 13.12 -9.43 -2.45
C ALA B 63 12.51 -10.32 -1.38
N ILE B 64 12.41 -11.62 -1.69
CA ILE B 64 11.87 -12.59 -0.74
C ILE B 64 12.91 -13.68 -0.50
N LYS B 65 12.56 -14.62 0.36
CA LYS B 65 13.31 -15.86 0.54
C LYS B 65 12.34 -17.01 0.42
N LYS B 66 12.54 -17.86 -0.57
CA LYS B 66 11.62 -18.98 -0.81
C LYS B 66 11.58 -19.89 0.41
N LYS B 67 10.58 -20.77 0.42
CA LYS B 67 10.30 -21.62 1.58
C LYS B 67 11.53 -22.38 2.04
N ASP B 68 12.11 -21.95 3.17
CA ASP B 68 13.30 -22.55 3.76
C ASP B 68 14.50 -22.47 2.81
N SER B 69 14.85 -21.22 2.46
CA SER B 69 16.02 -20.93 1.65
C SER B 69 16.62 -19.62 2.11
N THR B 70 17.93 -19.60 2.30
CA THR B 70 18.63 -18.43 2.82
C THR B 70 19.04 -17.45 1.74
N LYS B 71 18.94 -17.82 0.47
CA LYS B 71 19.35 -16.94 -0.62
C LYS B 71 18.22 -15.98 -0.97
N TRP B 72 18.57 -14.70 -1.13
CA TRP B 72 17.60 -13.70 -1.54
C TRP B 72 17.13 -13.97 -2.96
N ARG B 73 15.82 -13.81 -3.19
CA ARG B 73 15.22 -13.98 -4.50
C ARG B 73 14.51 -12.71 -4.92
N LYS B 74 14.62 -12.37 -6.20
CA LYS B 74 13.95 -11.19 -6.74
C LYS B 74 12.52 -11.54 -7.16
N LEU B 75 11.56 -10.76 -6.68
CA LEU B 75 10.16 -10.91 -7.04
C LEU B 75 9.67 -9.61 -7.67
N VAL B 76 8.99 -9.71 -8.81
CA VAL B 76 8.45 -8.57 -9.51
C VAL B 76 6.93 -8.64 -9.45
N ASP B 77 6.31 -7.61 -8.89
CA ASP B 77 4.84 -7.56 -8.75
C ASP B 77 4.25 -7.20 -10.11
N PHE B 78 4.20 -8.20 -11.00
CA PHE B 78 3.71 -8.04 -12.35
C PHE B 78 2.18 -8.04 -12.45
N ARG B 79 1.47 -7.75 -11.36
CA ARG B 79 0.01 -7.85 -11.37
C ARG B 79 -0.61 -6.88 -12.36
N GLU B 80 -0.12 -5.63 -12.40
CA GLU B 80 -0.71 -4.63 -13.28
C GLU B 80 -0.39 -4.93 -14.74
N LEU B 81 0.83 -5.36 -15.04
CA LEU B 81 1.18 -5.70 -16.41
C LEU B 81 0.38 -6.89 -16.91
N ASN B 82 0.06 -7.83 -16.01
CA ASN B 82 -0.65 -9.04 -16.43
C ASN B 82 -2.08 -8.73 -16.87
N LYS B 83 -2.71 -7.77 -16.19
CA LYS B 83 -4.09 -7.36 -16.59
C LYS B 83 -4.02 -6.52 -17.87
N ARG B 84 -2.94 -5.77 -18.08
CA ARG B 84 -2.79 -4.96 -19.28
C ARG B 84 -2.22 -5.76 -20.44
N THR B 85 -1.63 -6.92 -20.18
CA THR B 85 -1.17 -7.80 -21.25
C THR B 85 -2.35 -8.54 -21.85
N GLN B 86 -2.40 -8.61 -23.17
CA GLN B 86 -3.58 -9.11 -23.86
C GLN B 86 -3.84 -10.57 -23.53
N ASP B 87 -5.14 -10.93 -23.53
CA ASP B 87 -5.58 -12.25 -23.14
C ASP B 87 -5.01 -13.29 -24.10
N PHE B 88 -4.27 -14.25 -23.56
CA PHE B 88 -3.39 -15.09 -24.36
C PHE B 88 -4.07 -16.36 -24.83
N TRP B 89 -3.97 -16.63 -26.13
CA TRP B 89 -4.27 -17.93 -26.73
C TRP B 89 -3.08 -18.27 -27.63
N GLU B 90 -1.94 -18.58 -27.01
CA GLU B 90 -0.67 -18.63 -27.74
C GLU B 90 -0.63 -19.78 -28.73
N VAL B 91 -1.12 -20.96 -28.34
CA VAL B 91 -1.07 -22.14 -29.17
C VAL B 91 -2.47 -22.60 -29.60
N GLN B 92 -3.45 -22.48 -28.72
CA GLN B 92 -4.78 -22.98 -28.96
C GLN B 92 -5.78 -22.11 -28.19
N LEU B 93 -7.06 -22.43 -28.33
CA LEU B 93 -8.15 -21.65 -27.76
C LEU B 93 -8.14 -21.67 -26.23
N GLY B 94 -7.16 -22.33 -25.65
CA GLY B 94 -7.00 -22.35 -24.20
C GLY B 94 -6.64 -23.75 -23.72
N ILE B 95 -6.05 -23.80 -22.52
CA ILE B 95 -5.67 -25.07 -21.92
C ILE B 95 -6.82 -25.54 -21.03
N PRO B 96 -7.29 -26.78 -21.19
CA PRO B 96 -8.30 -27.33 -20.27
C PRO B 96 -7.63 -27.71 -18.97
N HIS B 97 -8.06 -27.07 -17.88
CA HIS B 97 -7.43 -27.31 -16.59
C HIS B 97 -7.62 -28.76 -16.18
N PRO B 98 -6.56 -29.46 -15.79
CA PRO B 98 -6.70 -30.88 -15.43
C PRO B 98 -7.47 -31.08 -14.13
N ALA B 99 -8.73 -31.52 -14.24
CA ALA B 99 -9.53 -31.79 -13.06
C ALA B 99 -8.99 -32.95 -12.25
N GLY B 100 -8.12 -33.77 -12.82
CA GLY B 100 -7.51 -34.88 -12.11
C GLY B 100 -6.32 -34.52 -11.24
N LEU B 101 -5.82 -33.28 -11.34
CA LEU B 101 -4.72 -32.85 -10.49
C LEU B 101 -5.16 -32.75 -9.03
N LYS B 102 -6.41 -32.34 -8.80
CA LYS B 102 -6.95 -32.24 -7.45
C LYS B 102 -7.34 -33.58 -6.87
N LYS B 103 -7.29 -34.65 -7.65
CA LYS B 103 -7.66 -35.98 -7.18
C LYS B 103 -6.46 -36.85 -6.84
N LYS B 104 -5.26 -36.42 -7.19
CA LYS B 104 -4.06 -37.19 -6.87
C LYS B 104 -3.77 -37.14 -5.37
N LYS B 105 -3.04 -38.14 -4.89
CA LYS B 105 -2.73 -38.23 -3.43
C LYS B 105 -1.60 -37.25 -3.10
N SER B 106 -0.59 -37.12 -3.96
CA SER B 106 0.55 -36.26 -3.71
C SER B 106 0.81 -35.41 -4.94
N VAL B 107 1.10 -34.13 -4.71
CA VAL B 107 1.39 -33.19 -5.78
C VAL B 107 2.61 -32.37 -5.37
N THR B 108 3.64 -32.37 -6.21
CA THR B 108 4.89 -31.65 -5.94
C THR B 108 4.95 -30.42 -6.81
N VAL B 109 5.29 -29.28 -6.21
CA VAL B 109 5.39 -28.01 -6.91
C VAL B 109 6.86 -27.71 -7.16
N LEU B 110 7.23 -27.65 -8.43
CA LEU B 110 8.58 -27.32 -8.86
C LEU B 110 8.62 -25.90 -9.41
N ASP B 111 9.62 -25.12 -9.01
CA ASP B 111 9.82 -23.77 -9.52
C ASP B 111 10.68 -23.86 -10.77
N VAL B 112 10.02 -23.85 -11.93
CA VAL B 112 10.71 -23.94 -13.22
C VAL B 112 10.87 -22.57 -13.87
N GLY B 113 10.81 -21.50 -13.08
CA GLY B 113 10.89 -20.16 -13.65
C GLY B 113 12.22 -19.81 -14.27
N ASP B 114 13.29 -20.53 -13.91
CA ASP B 114 14.59 -20.24 -14.48
C ASP B 114 14.69 -20.67 -15.94
N ALA B 115 13.77 -21.51 -16.41
CA ALA B 115 13.75 -21.89 -17.82
C ALA B 115 13.25 -20.75 -18.71
N TYR B 116 12.55 -19.78 -18.14
CA TYR B 116 12.06 -18.65 -18.92
C TYR B 116 13.20 -17.76 -19.41
N PHE B 117 14.30 -17.72 -18.68
CA PHE B 117 15.42 -16.82 -18.97
C PHE B 117 16.24 -17.25 -20.17
N SER B 118 15.79 -18.23 -20.95
CA SER B 118 16.50 -18.70 -22.13
C SER B 118 15.90 -18.23 -23.44
N VAL B 119 14.67 -17.75 -23.44
CA VAL B 119 13.99 -17.28 -24.65
C VAL B 119 13.90 -15.75 -24.56
N PRO B 120 14.28 -15.02 -25.60
CA PRO B 120 14.22 -13.55 -25.54
C PRO B 120 12.78 -13.06 -25.60
N LEU B 121 12.62 -11.78 -25.24
CA LEU B 121 11.34 -11.10 -25.26
C LEU B 121 11.23 -10.22 -26.49
N ASP B 122 10.00 -9.97 -26.93
CA ASP B 122 9.75 -9.03 -28.03
C ASP B 122 10.39 -7.69 -27.69
N GLU B 123 11.16 -7.15 -28.64
CA GLU B 123 11.85 -5.89 -28.41
C GLU B 123 10.87 -4.75 -28.16
N ASP B 124 9.73 -4.74 -28.85
CA ASP B 124 8.73 -3.71 -28.64
C ASP B 124 8.04 -3.84 -27.29
N PHE B 125 8.15 -4.99 -26.64
CA PHE B 125 7.47 -5.23 -25.37
C PHE B 125 8.36 -5.04 -24.15
N ARG B 126 9.69 -5.02 -24.33
CA ARG B 126 10.58 -4.97 -23.18
C ARG B 126 10.40 -3.71 -22.35
N LYS B 127 9.98 -2.61 -22.98
CA LYS B 127 9.82 -1.36 -22.25
C LYS B 127 8.71 -1.42 -21.21
N TYR B 128 7.77 -2.35 -21.35
CA TYR B 128 6.68 -2.48 -20.39
C TYR B 128 7.08 -3.25 -19.14
N THR B 129 8.21 -3.96 -19.16
CA THR B 129 8.73 -4.65 -18.00
C THR B 129 9.73 -3.81 -17.21
N ALA B 130 9.61 -2.49 -17.27
CA ALA B 130 10.55 -1.62 -16.57
C ALA B 130 10.32 -1.67 -15.07
N PHE B 131 11.40 -1.70 -14.31
CA PHE B 131 11.33 -1.70 -12.85
C PHE B 131 12.49 -0.90 -12.29
N THR B 132 12.33 -0.48 -11.04
CA THR B 132 13.27 0.43 -10.39
C THR B 132 13.75 -0.18 -9.08
N ILE B 133 15.06 -0.32 -8.94
CA ILE B 133 15.66 -0.58 -7.63
C ILE B 133 15.73 0.76 -6.92
N PRO B 134 14.94 0.99 -5.87
CA PRO B 134 14.95 2.30 -5.22
C PRO B 134 16.21 2.50 -4.40
N SER B 135 16.44 3.76 -4.04
N SER B 135 16.44 3.76 -4.04
CA SER B 135 17.58 4.13 -3.21
CA SER B 135 17.58 4.13 -3.21
C SER B 135 17.09 4.59 -1.84
C SER B 135 17.08 4.58 -1.84
N ILE B 136 17.93 4.40 -0.83
CA ILE B 136 17.59 4.81 0.52
C ILE B 136 17.58 6.34 0.60
N ASN B 137 16.47 6.89 1.08
CA ASN B 137 16.34 8.33 1.31
C ASN B 137 16.50 9.12 0.01
N ASN B 138 16.21 8.51 -1.13
CA ASN B 138 16.29 9.16 -2.44
C ASN B 138 17.66 9.81 -2.68
N GLU B 139 18.70 9.32 -2.01
CA GLU B 139 20.01 9.94 -2.07
C GLU B 139 20.69 9.71 -3.41
N THR B 140 20.27 8.69 -4.16
CA THR B 140 20.72 8.46 -5.53
C THR B 140 19.51 8.17 -6.41
N PRO B 141 19.59 8.48 -7.69
CA PRO B 141 18.51 8.10 -8.60
C PRO B 141 18.36 6.58 -8.67
N GLY B 142 17.11 6.13 -8.74
CA GLY B 142 16.85 4.71 -8.74
C GLY B 142 17.45 4.03 -9.96
N ILE B 143 17.91 2.79 -9.77
CA ILE B 143 18.49 2.01 -10.85
C ILE B 143 17.36 1.44 -11.70
N ARG B 144 17.31 1.84 -12.95
CA ARG B 144 16.22 1.48 -13.85
C ARG B 144 16.66 0.35 -14.77
N TYR B 145 15.83 -0.69 -14.87
CA TYR B 145 16.11 -1.85 -15.71
C TYR B 145 14.89 -2.18 -16.54
N GLN B 146 15.12 -2.92 -17.63
CA GLN B 146 14.06 -3.60 -18.36
C GLN B 146 14.56 -4.98 -18.75
N TYR B 147 13.62 -5.88 -19.00
CA TYR B 147 13.94 -7.27 -19.24
C TYR B 147 14.26 -7.53 -20.71
N ASN B 148 15.23 -8.42 -20.94
CA ASN B 148 15.55 -8.87 -22.29
C ASN B 148 15.01 -10.24 -22.61
N VAL B 149 14.74 -11.07 -21.60
CA VAL B 149 14.12 -12.37 -21.77
C VAL B 149 12.75 -12.33 -21.10
N LEU B 150 12.04 -13.46 -21.11
CA LEU B 150 10.76 -13.50 -20.41
C LEU B 150 10.99 -13.40 -18.91
N PRO B 151 10.29 -12.49 -18.22
CA PRO B 151 10.49 -12.35 -16.78
C PRO B 151 9.60 -13.28 -15.97
N GLN B 152 10.10 -13.64 -14.79
CA GLN B 152 9.34 -14.49 -13.89
C GLN B 152 8.15 -13.73 -13.33
N GLY B 153 6.98 -14.35 -13.38
CA GLY B 153 5.76 -13.75 -12.87
C GLY B 153 4.91 -13.06 -13.91
N TRP B 154 5.32 -13.04 -15.17
CA TRP B 154 4.55 -12.40 -16.22
C TRP B 154 3.59 -13.40 -16.85
N LYS B 155 2.36 -12.95 -17.11
CA LYS B 155 1.34 -13.79 -17.70
C LYS B 155 1.82 -14.43 -19.00
N GLY B 156 2.54 -13.66 -19.82
CA GLY B 156 2.99 -14.17 -21.11
C GLY B 156 4.17 -15.13 -21.04
N SER B 157 4.80 -15.25 -19.86
CA SER B 157 5.96 -16.15 -19.77
C SER B 157 5.58 -17.61 -19.94
N PRO B 158 4.58 -18.15 -19.22
CA PRO B 158 4.20 -19.55 -19.49
C PRO B 158 3.51 -19.73 -20.84
N ALA B 159 2.83 -18.69 -21.34
CA ALA B 159 2.13 -18.81 -22.61
C ALA B 159 3.11 -18.91 -23.77
N ILE B 160 4.05 -17.96 -23.85
CA ILE B 160 5.05 -17.98 -24.92
C ILE B 160 5.93 -19.21 -24.81
N PHE B 161 6.18 -19.68 -23.59
CA PHE B 161 7.04 -20.83 -23.34
C PHE B 161 6.28 -22.15 -23.41
N GLN B 162 4.96 -22.13 -23.56
CA GLN B 162 4.19 -23.37 -23.56
C GLN B 162 4.57 -24.27 -24.73
N SER B 163 4.79 -23.68 -25.91
CA SER B 163 5.22 -24.48 -27.05
C SER B 163 6.55 -25.15 -26.78
N SER B 164 7.46 -24.45 -26.10
CA SER B 164 8.78 -25.01 -25.79
C SER B 164 8.72 -25.95 -24.58
N MET B 165 7.81 -25.69 -23.64
CA MET B 165 7.72 -26.53 -22.45
C MET B 165 7.11 -27.89 -22.77
N THR B 166 6.07 -27.92 -23.61
CA THR B 166 5.39 -29.17 -23.91
C THR B 166 6.32 -30.16 -24.60
N LYS B 167 7.35 -29.69 -25.29
CA LYS B 167 8.30 -30.59 -25.93
C LYS B 167 9.32 -31.14 -24.95
N ILE B 168 9.65 -30.38 -23.90
CA ILE B 168 10.54 -30.90 -22.88
C ILE B 168 9.86 -32.01 -22.07
N LEU B 169 8.56 -31.90 -21.85
CA LEU B 169 7.82 -32.83 -21.02
C LEU B 169 7.25 -34.02 -21.81
N GLU B 170 7.26 -33.96 -23.14
CA GLU B 170 6.65 -35.03 -23.93
C GLU B 170 7.26 -36.41 -23.70
N PRO B 171 8.59 -36.60 -23.58
CA PRO B 171 9.10 -37.95 -23.36
C PRO B 171 8.89 -38.44 -21.94
N PHE B 172 8.84 -37.53 -20.97
CA PHE B 172 8.53 -37.94 -19.60
C PHE B 172 7.05 -38.27 -19.44
N LYS B 173 6.18 -37.50 -20.10
CA LYS B 173 4.76 -37.84 -20.10
C LYS B 173 4.49 -39.11 -20.90
N LYS B 174 5.29 -39.37 -21.94
CA LYS B 174 5.09 -40.57 -22.74
C LYS B 174 5.32 -41.84 -21.95
N GLN B 175 6.22 -41.80 -20.96
CA GLN B 175 6.52 -42.99 -20.16
C GLN B 175 5.69 -43.07 -18.89
N ASN B 176 5.11 -41.97 -18.43
CA ASN B 176 4.26 -41.94 -17.23
C ASN B 176 2.92 -41.33 -17.60
N PRO B 177 2.02 -42.12 -18.19
CA PRO B 177 0.71 -41.59 -18.60
C PRO B 177 -0.24 -41.33 -17.44
N ASP B 178 0.02 -41.88 -16.26
CA ASP B 178 -0.84 -41.66 -15.11
C ASP B 178 -0.41 -40.48 -14.25
N ILE B 179 0.75 -39.90 -14.51
CA ILE B 179 1.24 -38.75 -13.77
C ILE B 179 0.68 -37.49 -14.42
N VAL B 180 0.00 -36.67 -13.62
CA VAL B 180 -0.53 -35.40 -14.10
C VAL B 180 0.51 -34.31 -13.86
N ILE B 181 0.72 -33.48 -14.89
CA ILE B 181 1.65 -32.36 -14.81
C ILE B 181 0.89 -31.10 -15.23
N TYR B 182 0.88 -30.10 -14.35
CA TYR B 182 0.21 -28.83 -14.62
C TYR B 182 1.20 -27.70 -14.38
N GLN B 183 1.06 -26.64 -15.17
CA GLN B 183 1.92 -25.47 -15.07
C GLN B 183 1.08 -24.23 -14.78
N TYR B 184 1.46 -23.49 -13.75
CA TYR B 184 0.87 -22.19 -13.45
C TYR B 184 1.99 -21.21 -13.19
N MET B 185 2.13 -20.22 -14.08
CA MET B 185 3.18 -19.21 -14.01
C MET B 185 4.56 -19.85 -13.90
N ASP B 186 5.27 -19.59 -12.81
CA ASP B 186 6.62 -20.08 -12.62
C ASP B 186 6.67 -21.46 -11.96
N ASP B 187 5.54 -22.13 -11.81
CA ASP B 187 5.46 -23.36 -11.03
C ASP B 187 5.00 -24.52 -11.89
N LEU B 188 5.56 -25.69 -11.61
CA LEU B 188 5.14 -26.96 -12.21
C LEU B 188 4.51 -27.82 -11.13
N TYR B 189 3.25 -28.22 -11.34
CA TYR B 189 2.53 -29.06 -10.40
C TYR B 189 2.53 -30.48 -10.92
N VAL B 190 3.33 -31.34 -10.30
CA VAL B 190 3.53 -32.72 -10.72
C VAL B 190 2.96 -33.63 -9.65
N GLY B 191 1.88 -34.34 -9.98
CA GLY B 191 1.23 -35.21 -9.04
C GLY B 191 1.11 -36.64 -9.58
N SER B 192 0.96 -37.58 -8.64
CA SER B 192 0.80 -38.98 -8.98
C SER B 192 -0.10 -39.63 -7.94
N ASP B 193 -0.33 -40.93 -8.10
CA ASP B 193 -1.21 -41.70 -7.24
C ASP B 193 -0.45 -42.79 -6.48
N LEU B 194 0.80 -42.55 -6.10
CA LEU B 194 1.65 -43.61 -5.59
C LEU B 194 2.44 -43.16 -4.37
N GLU B 195 3.11 -44.13 -3.76
CA GLU B 195 3.80 -43.94 -2.49
C GLU B 195 4.97 -42.98 -2.65
N ILE B 196 5.16 -42.12 -1.64
CA ILE B 196 6.09 -40.99 -1.75
C ILE B 196 7.48 -41.43 -2.17
N GLY B 197 7.89 -42.65 -1.82
CA GLY B 197 9.22 -43.12 -2.16
C GLY B 197 9.50 -43.08 -3.66
N GLN B 198 8.58 -43.63 -4.45
CA GLN B 198 8.70 -43.53 -5.90
C GLN B 198 8.28 -42.17 -6.43
N HIS B 199 7.59 -41.35 -5.62
CA HIS B 199 7.17 -40.03 -6.06
C HIS B 199 8.36 -39.08 -6.12
N ARG B 200 9.15 -39.00 -5.04
CA ARG B 200 10.35 -38.16 -5.08
C ARG B 200 11.35 -38.67 -6.10
N THR B 201 11.34 -39.96 -6.40
CA THR B 201 12.18 -40.49 -7.47
C THR B 201 11.69 -39.99 -8.82
N LYS B 202 10.38 -40.06 -9.07
CA LYS B 202 9.82 -39.48 -10.29
C LYS B 202 10.07 -37.98 -10.34
N ILE B 203 9.92 -37.29 -9.21
CA ILE B 203 10.17 -35.85 -9.17
C ILE B 203 11.64 -35.55 -9.43
N GLU B 204 12.54 -36.28 -8.76
CA GLU B 204 13.97 -36.15 -9.05
C GLU B 204 14.27 -36.56 -10.48
N GLU B 205 13.58 -37.58 -10.99
CA GLU B 205 13.78 -37.98 -12.38
C GLU B 205 13.19 -36.98 -13.36
N LEU B 206 12.29 -36.10 -12.91
CA LEU B 206 11.75 -35.07 -13.79
C LEU B 206 12.68 -33.87 -13.88
N ARG B 207 13.25 -33.45 -12.75
CA ARG B 207 14.12 -32.28 -12.76
C ARG B 207 15.47 -32.57 -13.41
N GLN B 208 15.99 -33.79 -13.26
CA GLN B 208 17.18 -34.16 -14.03
C GLN B 208 16.88 -34.17 -15.52
N HIS B 209 15.69 -34.61 -15.90
CA HIS B 209 15.29 -34.55 -17.30
C HIS B 209 15.15 -33.10 -17.76
N LEU B 210 14.63 -32.23 -16.90
CA LEU B 210 14.59 -30.82 -17.23
C LEU B 210 15.98 -30.22 -17.30
N LEU B 211 16.90 -30.70 -16.46
CA LEU B 211 18.27 -30.15 -16.47
C LEU B 211 18.99 -30.47 -17.77
N ARG B 212 18.73 -31.64 -18.35
CA ARG B 212 19.39 -32.00 -19.61
C ARG B 212 18.84 -31.21 -20.80
N TRP B 213 17.61 -30.69 -20.68
CA TRP B 213 17.04 -29.82 -21.70
C TRP B 213 17.42 -28.36 -21.50
N GLY B 214 18.42 -28.09 -20.66
CA GLY B 214 18.84 -26.73 -20.38
C GLY B 214 18.93 -26.42 -18.90
N PHE B 228 14.79 -25.83 -12.66
CA PHE B 228 15.71 -26.57 -11.81
C PHE B 228 15.53 -26.18 -10.35
N LEU B 229 16.48 -25.39 -9.84
CA LEU B 229 16.41 -24.76 -8.52
C LEU B 229 16.60 -25.73 -7.36
N TRP B 230 16.14 -26.98 -7.51
CA TRP B 230 16.28 -28.03 -6.50
C TRP B 230 15.35 -27.82 -5.31
N MET B 231 14.17 -27.23 -5.53
CA MET B 231 13.21 -27.07 -4.44
C MET B 231 11.86 -27.64 -4.84
N GLY B 232 11.16 -28.21 -3.85
CA GLY B 232 9.85 -28.78 -4.08
C GLY B 232 8.87 -28.36 -3.00
N TYR B 233 7.60 -28.61 -3.28
CA TYR B 233 6.49 -28.26 -2.38
C TYR B 233 5.46 -29.36 -2.47
N GLU B 234 5.31 -30.14 -1.41
CA GLU B 234 4.45 -31.32 -1.41
C GLU B 234 3.05 -30.98 -0.92
N LEU B 235 2.05 -31.48 -1.64
CA LEU B 235 0.64 -31.26 -1.32
C LEU B 235 -0.10 -32.59 -1.32
N HIS B 236 -1.32 -32.56 -0.80
CA HIS B 236 -2.17 -33.75 -0.75
C HIS B 236 -3.62 -33.31 -0.89
N PRO B 237 -4.10 -33.12 -2.13
CA PRO B 237 -5.48 -32.66 -2.33
C PRO B 237 -6.53 -33.73 -2.06
N ASP B 238 -6.18 -34.72 -1.23
CA ASP B 238 -7.15 -35.76 -0.88
C ASP B 238 -8.24 -35.22 0.03
N LYS B 239 -7.92 -34.23 0.85
CA LYS B 239 -8.82 -33.73 1.90
C LYS B 239 -9.36 -32.34 1.58
N TRP B 240 -9.66 -32.09 0.31
CA TRP B 240 -10.14 -30.78 -0.15
C TRP B 240 -11.60 -30.92 -0.59
N THR B 241 -12.51 -30.37 0.21
CA THR B 241 -13.93 -30.38 -0.11
C THR B 241 -14.57 -29.19 0.61
N VAL B 242 -15.89 -29.22 0.72
CA VAL B 242 -16.64 -28.22 1.48
C VAL B 242 -16.88 -28.80 2.87
N GLN B 243 -16.23 -28.23 3.87
CA GLN B 243 -16.36 -28.74 5.22
C GLN B 243 -17.80 -28.56 5.72
N PRO B 244 -18.37 -29.59 6.32
CA PRO B 244 -19.81 -29.55 6.64
C PRO B 244 -20.12 -28.64 7.81
N ILE B 245 -21.35 -28.14 7.82
CA ILE B 245 -21.86 -27.41 8.97
C ILE B 245 -22.21 -28.41 10.06
N VAL B 246 -21.65 -28.21 11.26
CA VAL B 246 -21.83 -29.13 12.37
C VAL B 246 -22.55 -28.40 13.50
N LEU B 247 -23.58 -29.03 14.02
CA LEU B 247 -24.32 -28.60 15.20
C LEU B 247 -23.84 -29.36 16.42
N PRO B 248 -23.89 -28.75 17.60
CA PRO B 248 -23.40 -29.44 18.80
C PRO B 248 -24.28 -30.63 19.17
N GLU B 249 -23.68 -31.56 19.91
CA GLU B 249 -24.39 -32.67 20.54
C GLU B 249 -24.23 -32.51 22.04
N LYS B 250 -25.34 -32.24 22.73
N LYS B 250 -25.34 -32.24 22.73
CA LYS B 250 -25.30 -31.97 24.16
CA LYS B 250 -25.33 -31.95 24.15
C LYS B 250 -26.43 -32.72 24.85
C LYS B 250 -26.41 -32.77 24.85
N ASP B 251 -26.23 -32.96 26.15
CA ASP B 251 -27.23 -33.60 26.99
C ASP B 251 -28.05 -32.59 27.78
N SER B 252 -27.49 -31.42 28.07
CA SER B 252 -28.18 -30.34 28.74
C SER B 252 -27.90 -29.05 28.00
N TRP B 253 -28.95 -28.40 27.51
CA TRP B 253 -28.84 -27.17 26.73
C TRP B 253 -29.27 -25.99 27.59
N THR B 254 -28.41 -24.98 27.69
CA THR B 254 -28.79 -23.73 28.32
C THR B 254 -29.59 -22.87 27.34
N VAL B 255 -30.16 -21.79 27.86
CA VAL B 255 -30.85 -20.83 26.99
C VAL B 255 -29.87 -20.24 25.99
N ASN B 256 -28.65 -19.94 26.44
CA ASN B 256 -27.64 -19.41 25.54
C ASN B 256 -27.24 -20.42 24.47
N ASP B 257 -27.17 -21.71 24.84
CA ASP B 257 -26.84 -22.73 23.86
C ASP B 257 -27.89 -22.80 22.75
N ILE B 258 -29.17 -22.76 23.13
N ILE B 258 -29.17 -22.76 23.14
CA ILE B 258 -30.23 -22.85 22.14
CA ILE B 258 -30.25 -22.83 22.16
C ILE B 258 -30.28 -21.58 21.29
C ILE B 258 -30.25 -21.59 21.28
N GLN B 259 -29.94 -20.43 21.86
CA GLN B 259 -29.93 -19.19 21.09
C GLN B 259 -28.86 -19.22 20.00
N LYS B 260 -27.65 -19.65 20.35
CA LYS B 260 -26.61 -19.79 19.33
C LYS B 260 -26.98 -20.86 18.31
N LEU B 261 -27.64 -21.92 18.76
CA LEU B 261 -28.08 -22.97 17.84
C LEU B 261 -29.07 -22.44 16.82
N VAL B 262 -30.11 -21.74 17.28
CA VAL B 262 -31.09 -21.17 16.37
C VAL B 262 -30.42 -20.14 15.46
N GLY B 263 -29.51 -19.34 16.00
CA GLY B 263 -28.79 -18.38 15.18
C GLY B 263 -27.95 -19.04 14.11
N LYS B 264 -27.31 -20.17 14.44
CA LYS B 264 -26.53 -20.89 13.46
C LYS B 264 -27.43 -21.55 12.42
N LEU B 265 -28.56 -22.11 12.86
CA LEU B 265 -29.49 -22.74 11.92
C LEU B 265 -30.15 -21.71 11.01
N ASN B 266 -30.49 -20.54 11.56
CA ASN B 266 -31.04 -19.47 10.74
C ASN B 266 -30.05 -19.04 9.65
N TRP B 267 -28.76 -19.02 9.99
CA TRP B 267 -27.74 -18.68 9.00
C TRP B 267 -27.62 -19.77 7.95
N ALA B 268 -27.65 -21.04 8.37
CA ALA B 268 -27.55 -22.15 7.42
C ALA B 268 -28.77 -22.22 6.51
N SER B 269 -29.92 -21.71 6.97
CA SER B 269 -31.14 -21.75 6.16
C SER B 269 -31.00 -20.95 4.87
N GLN B 270 -30.11 -19.98 4.82
CA GLN B 270 -29.82 -19.30 3.56
C GLN B 270 -29.22 -20.25 2.54
N ILE B 271 -28.44 -21.23 3.00
CA ILE B 271 -27.76 -22.16 2.11
C ILE B 271 -28.60 -23.40 1.86
N TYR B 272 -29.20 -23.97 2.90
CA TYR B 272 -29.93 -25.21 2.82
C TYR B 272 -31.43 -24.98 2.93
N PRO B 273 -32.24 -25.78 2.23
CA PRO B 273 -33.69 -25.67 2.36
C PRO B 273 -34.24 -26.57 3.46
N GLY B 274 -35.47 -26.27 3.86
CA GLY B 274 -36.12 -27.08 4.87
C GLY B 274 -35.54 -27.00 6.26
N ILE B 275 -34.61 -26.08 6.51
CA ILE B 275 -34.07 -25.89 7.85
C ILE B 275 -35.14 -25.20 8.70
N LYS B 276 -35.62 -25.90 9.72
CA LYS B 276 -36.67 -25.40 10.60
C LYS B 276 -36.12 -25.10 11.98
N VAL B 277 -36.71 -24.10 12.63
CA VAL B 277 -36.27 -23.68 13.96
C VAL B 277 -37.47 -23.41 14.85
N ARG B 278 -38.67 -23.75 14.38
CA ARG B 278 -39.88 -23.43 15.12
C ARG B 278 -39.92 -24.18 16.46
N GLN B 279 -39.60 -25.48 16.44
CA GLN B 279 -39.68 -26.26 17.66
C GLN B 279 -38.53 -25.96 18.60
N LEU B 280 -37.38 -25.49 18.08
CA LEU B 280 -36.28 -25.10 18.95
C LEU B 280 -36.51 -23.71 19.54
N SER B 281 -37.15 -22.81 18.79
CA SER B 281 -37.54 -21.53 19.36
C SER B 281 -38.67 -21.70 20.37
N LYS B 282 -39.53 -22.70 20.18
CA LYS B 282 -40.58 -23.00 21.14
C LYS B 282 -40.02 -23.35 22.52
N LEU B 283 -38.74 -23.72 22.59
CA LEU B 283 -38.12 -24.01 23.87
C LEU B 283 -37.91 -22.74 24.70
N LEU B 284 -37.70 -21.60 24.03
CA LEU B 284 -37.40 -20.35 24.69
C LEU B 284 -38.65 -19.58 25.09
N ARG B 285 -39.81 -20.23 25.14
CA ARG B 285 -41.06 -19.58 25.54
C ARG B 285 -40.92 -18.98 26.93
N GLY B 286 -40.73 -17.67 26.98
CA GLY B 286 -40.56 -16.95 28.23
C GLY B 286 -39.31 -16.09 28.20
N THR B 287 -39.05 -15.46 29.34
CA THR B 287 -37.90 -14.56 29.51
C THR B 287 -37.00 -15.18 30.58
N LYS B 288 -36.13 -16.09 30.16
CA LYS B 288 -35.35 -16.91 31.07
C LYS B 288 -33.90 -16.42 31.15
N ALA B 289 -33.22 -16.84 32.21
CA ALA B 289 -31.81 -16.54 32.38
C ALA B 289 -30.97 -17.26 31.32
N LEU B 290 -29.86 -16.64 30.93
CA LEU B 290 -29.05 -17.18 29.84
C LEU B 290 -28.38 -18.49 30.23
N THR B 291 -28.15 -18.72 31.53
CA THR B 291 -27.48 -19.93 31.99
C THR B 291 -28.46 -21.00 32.44
N GLU B 292 -29.76 -20.77 32.31
CA GLU B 292 -30.75 -21.78 32.73
C GLU B 292 -30.79 -22.91 31.71
N VAL B 293 -30.75 -24.15 32.21
CA VAL B 293 -30.80 -25.32 31.35
C VAL B 293 -32.24 -25.57 30.93
N ILE B 294 -32.46 -25.72 29.63
CA ILE B 294 -33.77 -26.00 29.06
C ILE B 294 -33.78 -27.45 28.57
N PRO B 295 -34.74 -28.27 28.99
CA PRO B 295 -34.84 -29.63 28.44
C PRO B 295 -35.46 -29.61 27.05
N LEU B 296 -34.93 -30.48 26.19
CA LEU B 296 -35.44 -30.58 24.83
C LEU B 296 -36.73 -31.40 24.80
N THR B 297 -37.73 -30.90 24.10
CA THR B 297 -38.95 -31.66 23.88
C THR B 297 -38.77 -32.63 22.73
N GLU B 298 -39.76 -33.52 22.57
CA GLU B 298 -39.68 -34.53 21.53
C GLU B 298 -39.71 -33.89 20.14
N GLU B 299 -40.56 -32.88 19.95
CA GLU B 299 -40.61 -32.18 18.67
C GLU B 299 -39.38 -31.33 18.43
N ALA B 300 -38.64 -30.97 19.49
CA ALA B 300 -37.43 -30.18 19.32
C ALA B 300 -36.25 -31.05 18.90
N GLU B 301 -36.04 -32.18 19.58
CA GLU B 301 -34.98 -33.09 19.17
C GLU B 301 -35.21 -33.63 17.78
N LEU B 302 -36.47 -33.83 17.39
CA LEU B 302 -36.78 -34.25 16.03
C LEU B 302 -36.36 -33.18 15.02
N GLU B 303 -36.81 -31.93 15.25
CA GLU B 303 -36.42 -30.83 14.36
C GLU B 303 -34.91 -30.69 14.28
N LEU B 304 -34.21 -30.83 15.41
CA LEU B 304 -32.76 -30.83 15.39
C LEU B 304 -32.21 -32.01 14.61
N ALA B 305 -32.89 -33.16 14.66
CA ALA B 305 -32.42 -34.34 13.94
C ALA B 305 -32.59 -34.17 12.45
N GLU B 306 -33.77 -33.72 12.01
CA GLU B 306 -33.97 -33.47 10.58
C GLU B 306 -33.00 -32.41 10.06
N ASN B 307 -32.62 -31.45 10.90
CA ASN B 307 -31.63 -30.45 10.48
C ASN B 307 -30.26 -31.08 10.32
N ARG B 308 -29.92 -32.03 11.19
CA ARG B 308 -28.65 -32.75 11.04
C ARG B 308 -28.62 -33.53 9.74
N GLU B 309 -29.75 -34.13 9.35
CA GLU B 309 -29.81 -34.88 8.10
C GLU B 309 -29.64 -33.96 6.89
N ILE B 310 -30.25 -32.78 6.94
CA ILE B 310 -30.13 -31.83 5.84
C ILE B 310 -28.67 -31.38 5.68
N LEU B 311 -28.03 -31.03 6.79
CA LEU B 311 -26.66 -30.54 6.76
C LEU B 311 -25.66 -31.61 6.38
N LYS B 312 -26.06 -32.88 6.32
CA LYS B 312 -25.17 -33.94 5.89
C LYS B 312 -24.95 -33.95 4.39
N GLU B 313 -25.85 -33.39 3.63
CA GLU B 313 -25.90 -33.40 2.18
C GLU B 313 -25.22 -32.15 1.61
N PRO B 314 -24.60 -32.24 0.44
CA PRO B 314 -23.97 -31.06 -0.16
C PRO B 314 -25.01 -30.02 -0.59
N VAL B 315 -24.50 -28.87 -1.01
CA VAL B 315 -25.35 -27.72 -1.34
C VAL B 315 -25.93 -27.91 -2.73
N HIS B 316 -27.18 -27.50 -2.90
CA HIS B 316 -27.90 -27.68 -4.16
C HIS B 316 -27.43 -26.65 -5.20
N GLY B 317 -27.12 -27.12 -6.40
CA GLY B 317 -26.83 -26.24 -7.51
C GLY B 317 -25.52 -25.50 -7.44
N VAL B 318 -24.50 -26.10 -6.85
CA VAL B 318 -23.17 -25.49 -6.80
C VAL B 318 -22.40 -25.88 -8.05
N TYR B 319 -21.71 -24.90 -8.65
CA TYR B 319 -20.95 -25.15 -9.85
C TYR B 319 -19.90 -24.06 -10.01
N TYR B 320 -18.78 -24.43 -10.62
CA TYR B 320 -17.71 -23.50 -10.90
C TYR B 320 -17.92 -22.88 -12.29
N ASP B 321 -17.93 -21.54 -12.33
CA ASP B 321 -18.08 -20.82 -13.58
C ASP B 321 -16.76 -20.16 -13.93
N PRO B 322 -16.06 -20.61 -14.98
CA PRO B 322 -14.73 -20.04 -15.27
C PRO B 322 -14.75 -18.59 -15.73
N SER B 323 -15.93 -18.00 -15.96
CA SER B 323 -16.01 -16.60 -16.35
C SER B 323 -16.07 -15.66 -15.15
N LYS B 324 -16.46 -16.15 -13.98
CA LYS B 324 -16.56 -15.32 -12.80
C LYS B 324 -15.27 -15.40 -11.98
N ASP B 325 -15.15 -14.50 -11.00
CA ASP B 325 -14.02 -14.50 -10.10
C ASP B 325 -14.24 -15.47 -8.95
N LEU B 326 -13.14 -16.05 -8.48
CA LEU B 326 -13.15 -16.81 -7.23
C LEU B 326 -12.91 -15.85 -6.08
N ILE B 327 -13.77 -15.92 -5.07
N ILE B 327 -13.77 -15.91 -5.06
CA ILE B 327 -13.69 -15.06 -3.89
CA ILE B 327 -13.67 -15.05 -3.90
C ILE B 327 -13.28 -15.93 -2.70
C ILE B 327 -13.30 -15.90 -2.69
N ALA B 328 -12.29 -15.45 -1.94
CA ALA B 328 -11.78 -16.18 -0.78
C ALA B 328 -11.87 -15.27 0.45
N GLU B 329 -12.73 -15.62 1.38
CA GLU B 329 -12.87 -14.91 2.65
C GLU B 329 -12.14 -15.68 3.74
N ILE B 330 -11.59 -14.93 4.70
CA ILE B 330 -10.81 -15.51 5.79
C ILE B 330 -11.29 -14.91 7.11
N GLN B 331 -11.46 -15.76 8.11
CA GLN B 331 -11.86 -15.33 9.45
C GLN B 331 -10.75 -15.70 10.44
N LYS B 332 -10.40 -14.75 11.31
CA LYS B 332 -9.48 -15.01 12.40
C LYS B 332 -10.25 -15.61 13.58
N GLN B 333 -9.86 -16.82 13.98
CA GLN B 333 -10.60 -17.57 15.00
C GLN B 333 -9.86 -17.68 16.32
N GLY B 334 -8.64 -17.18 16.41
CA GLY B 334 -7.91 -17.22 17.67
C GLY B 334 -7.08 -18.46 17.83
N GLN B 335 -6.03 -18.35 18.64
CA GLN B 335 -5.10 -19.44 18.92
C GLN B 335 -4.50 -20.01 17.64
N GLY B 336 -4.15 -19.12 16.71
CA GLY B 336 -3.54 -19.53 15.46
C GLY B 336 -4.46 -20.28 14.52
N GLN B 337 -5.77 -20.18 14.72
CA GLN B 337 -6.73 -20.87 13.87
C GLN B 337 -7.39 -19.88 12.92
N TRP B 338 -7.56 -20.30 11.66
CA TRP B 338 -8.13 -19.46 10.63
C TRP B 338 -9.06 -20.30 9.76
N THR B 339 -10.27 -19.81 9.54
CA THR B 339 -11.23 -20.44 8.65
C THR B 339 -11.31 -19.66 7.34
N TYR B 340 -11.75 -20.35 6.29
CA TYR B 340 -11.86 -19.69 4.99
C TYR B 340 -12.91 -20.40 4.14
N GLN B 341 -13.41 -19.66 3.15
CA GLN B 341 -14.39 -20.17 2.19
C GLN B 341 -14.05 -19.61 0.82
N ILE B 342 -14.10 -20.47 -0.19
CA ILE B 342 -13.91 -20.07 -1.58
C ILE B 342 -15.23 -20.22 -2.32
N TYR B 343 -15.69 -19.15 -2.95
CA TYR B 343 -16.97 -19.15 -3.64
C TYR B 343 -16.91 -18.19 -4.81
N GLN B 344 -18.00 -18.14 -5.57
CA GLN B 344 -18.17 -17.18 -6.65
C GLN B 344 -19.49 -16.43 -6.45
N GLU B 345 -20.47 -17.14 -5.91
CA GLU B 345 -21.74 -16.57 -5.49
C GLU B 345 -21.91 -16.77 -3.99
N PRO B 346 -22.41 -15.76 -3.28
CA PRO B 346 -22.61 -15.92 -1.82
C PRO B 346 -23.48 -17.13 -1.53
N PHE B 347 -23.08 -17.88 -0.49
CA PHE B 347 -23.79 -19.04 0.04
C PHE B 347 -23.71 -20.25 -0.88
N LYS B 348 -22.86 -20.18 -1.92
CA LYS B 348 -22.59 -21.31 -2.82
C LYS B 348 -21.10 -21.63 -2.75
N ASN B 349 -20.67 -22.10 -1.57
CA ASN B 349 -19.25 -22.33 -1.33
C ASN B 349 -18.73 -23.49 -2.18
N LEU B 350 -17.69 -23.22 -2.96
CA LEU B 350 -17.00 -24.26 -3.71
C LEU B 350 -15.91 -24.95 -2.90
N LYS B 351 -15.51 -24.37 -1.78
CA LYS B 351 -14.50 -24.96 -0.91
C LYS B 351 -14.48 -24.20 0.40
N THR B 352 -14.44 -24.93 1.52
CA THR B 352 -14.23 -24.37 2.84
C THR B 352 -13.13 -25.15 3.53
N GLY B 353 -12.51 -24.51 4.54
CA GLY B 353 -11.41 -25.17 5.22
C GLY B 353 -11.01 -24.40 6.46
N LYS B 354 -10.02 -24.96 7.16
CA LYS B 354 -9.54 -24.40 8.41
C LYS B 354 -8.05 -24.69 8.54
N TYR B 355 -7.32 -23.75 9.14
CA TYR B 355 -5.90 -23.87 9.38
C TYR B 355 -5.61 -23.71 10.86
N ALA B 356 -4.49 -24.29 11.30
CA ALA B 356 -4.11 -24.24 12.71
C ALA B 356 -2.60 -24.26 12.83
N ARG B 357 -2.10 -23.60 13.89
CA ARG B 357 -0.69 -23.59 14.24
C ARG B 357 0.19 -23.26 13.04
N MET B 358 0.08 -22.03 12.57
CA MET B 358 0.87 -21.58 11.44
C MET B 358 2.35 -21.60 11.78
N ARG B 359 3.15 -22.20 10.90
CA ARG B 359 4.55 -22.48 11.19
C ARG B 359 5.33 -21.18 11.38
N GLY B 360 5.89 -21.01 12.57
CA GLY B 360 6.77 -19.88 12.85
C GLY B 360 6.08 -18.53 12.98
N ALA B 361 4.90 -18.50 13.59
CA ALA B 361 4.17 -17.24 13.73
C ALA B 361 3.11 -17.30 14.82
N HIS B 362 3.39 -17.99 15.92
CA HIS B 362 2.43 -18.05 17.02
C HIS B 362 2.23 -16.70 17.71
N THR B 363 3.04 -15.70 17.36
CA THR B 363 2.94 -14.38 17.98
C THR B 363 2.80 -13.26 16.94
N ASN B 364 2.52 -13.59 15.69
CA ASN B 364 2.38 -12.59 14.62
C ASN B 364 1.12 -12.91 13.83
N ASP B 365 0.11 -12.03 13.96
CA ASP B 365 -1.14 -12.23 13.22
C ASP B 365 -0.93 -12.08 11.72
N VAL B 366 -0.17 -11.07 11.31
CA VAL B 366 0.00 -10.79 9.88
C VAL B 366 0.75 -11.92 9.18
N LYS B 367 1.78 -12.46 9.84
CA LYS B 367 2.52 -13.56 9.25
C LYS B 367 1.65 -14.79 9.07
N GLN B 368 0.77 -15.06 10.04
CA GLN B 368 -0.17 -16.16 9.90
C GLN B 368 -1.13 -15.92 8.75
N LEU B 369 -1.71 -14.72 8.69
CA LEU B 369 -2.61 -14.38 7.59
C LEU B 369 -1.90 -14.45 6.25
N THR B 370 -0.64 -13.99 6.20
CA THR B 370 0.12 -14.05 4.96
C THR B 370 0.35 -15.49 4.52
N GLU B 371 0.66 -16.37 5.48
CA GLU B 371 0.83 -17.78 5.15
C GLU B 371 -0.48 -18.44 4.76
N ALA B 372 -1.59 -18.01 5.37
CA ALA B 372 -2.90 -18.56 5.00
C ALA B 372 -3.26 -18.18 3.57
N VAL B 373 -3.00 -16.93 3.18
CA VAL B 373 -3.31 -16.48 1.82
C VAL B 373 -2.54 -17.30 0.79
N GLN B 374 -1.28 -17.62 1.10
CA GLN B 374 -0.48 -18.42 0.17
C GLN B 374 -1.02 -19.83 0.06
N LYS B 375 -1.43 -20.43 1.18
CA LYS B 375 -1.97 -21.79 1.16
C LYS B 375 -3.28 -21.84 0.38
N ILE B 376 -4.18 -20.90 0.63
CA ILE B 376 -5.47 -20.89 -0.06
C ILE B 376 -5.26 -20.66 -1.55
N THR B 377 -4.31 -19.81 -1.92
CA THR B 377 -4.01 -19.58 -3.33
C THR B 377 -3.47 -20.84 -3.99
N THR B 378 -2.56 -21.54 -3.30
CA THR B 378 -2.03 -22.79 -3.84
C THR B 378 -3.14 -23.81 -4.05
N GLU B 379 -4.07 -23.92 -3.09
CA GLU B 379 -5.19 -24.84 -3.24
C GLU B 379 -6.07 -24.44 -4.42
N SER B 380 -6.28 -23.14 -4.60
N SER B 380 -6.28 -23.13 -4.61
CA SER B 380 -7.11 -22.68 -5.72
CA SER B 380 -7.11 -22.68 -5.72
C SER B 380 -6.45 -22.94 -7.06
C SER B 380 -6.45 -22.94 -7.06
N ILE B 381 -5.11 -22.85 -7.13
CA ILE B 381 -4.42 -23.13 -8.37
C ILE B 381 -4.57 -24.61 -8.75
N VAL B 382 -4.46 -25.49 -7.76
CA VAL B 382 -4.55 -26.92 -8.03
C VAL B 382 -5.97 -27.29 -8.49
N ILE B 383 -6.98 -26.66 -7.92
CA ILE B 383 -8.36 -27.07 -8.20
C ILE B 383 -8.87 -26.42 -9.48
N TRP B 384 -8.75 -25.10 -9.60
CA TRP B 384 -9.35 -24.37 -10.71
C TRP B 384 -8.35 -23.76 -11.68
N GLY B 385 -7.07 -23.77 -11.37
CA GLY B 385 -6.07 -23.22 -12.27
C GLY B 385 -5.93 -21.71 -12.24
N LYS B 386 -6.56 -21.04 -11.29
CA LYS B 386 -6.44 -19.60 -11.16
C LYS B 386 -6.53 -19.22 -9.69
N THR B 387 -6.05 -17.99 -9.38
CA THR B 387 -6.03 -17.47 -8.02
C THR B 387 -7.32 -16.72 -7.71
N PRO B 388 -7.76 -16.75 -6.45
CA PRO B 388 -8.97 -16.03 -6.06
C PRO B 388 -8.65 -14.61 -5.60
N LYS B 389 -9.72 -13.83 -5.45
CA LYS B 389 -9.66 -12.49 -4.87
C LYS B 389 -10.00 -12.58 -3.40
N PHE B 390 -9.14 -12.05 -2.55
CA PHE B 390 -9.24 -12.24 -1.11
C PHE B 390 -9.95 -11.07 -0.44
N LYS B 391 -10.79 -11.39 0.54
CA LYS B 391 -11.36 -10.40 1.45
C LYS B 391 -10.63 -10.62 2.79
N LEU B 392 -9.69 -9.72 3.10
CA LEU B 392 -8.77 -9.93 4.21
C LEU B 392 -9.28 -9.24 5.46
N PRO B 393 -9.36 -9.94 6.59
CA PRO B 393 -9.77 -9.31 7.87
C PRO B 393 -8.64 -8.52 8.51
N ILE B 394 -8.22 -7.45 7.83
CA ILE B 394 -7.10 -6.64 8.28
C ILE B 394 -7.27 -5.25 7.70
N GLN B 395 -6.80 -4.25 8.44
CA GLN B 395 -6.83 -2.89 7.93
C GLN B 395 -5.80 -2.73 6.82
N LYS B 396 -6.13 -1.87 5.85
CA LYS B 396 -5.31 -1.72 4.66
C LYS B 396 -3.86 -1.35 5.01
N GLU B 397 -3.69 -0.38 5.91
CA GLU B 397 -2.35 0.14 6.19
C GLU B 397 -1.47 -0.89 6.88
N THR B 398 -2.06 -1.80 7.67
CA THR B 398 -1.27 -2.81 8.36
C THR B 398 -0.79 -3.90 7.40
N TRP B 399 -1.72 -4.49 6.64
CA TRP B 399 -1.35 -5.47 5.63
C TRP B 399 -0.39 -4.89 4.61
N GLU B 400 -0.67 -3.65 4.17
CA GLU B 400 0.14 -3.00 3.15
C GLU B 400 1.59 -2.86 3.58
N THR B 401 1.84 -2.76 4.89
CA THR B 401 3.17 -2.48 5.41
C THR B 401 4.01 -3.74 5.58
N TRP B 402 3.39 -4.90 5.81
CA TRP B 402 4.11 -6.05 6.32
C TRP B 402 4.00 -7.34 5.51
N TRP B 403 3.08 -7.42 4.54
CA TRP B 403 2.84 -8.72 3.90
C TRP B 403 4.03 -9.19 3.09
N THR B 404 4.80 -8.27 2.50
CA THR B 404 5.97 -8.68 1.72
C THR B 404 7.05 -9.31 2.59
N GLU B 405 7.06 -9.03 3.89
CA GLU B 405 8.07 -9.58 4.78
C GLU B 405 7.92 -11.07 4.99
N TYR B 406 6.75 -11.63 4.72
CA TYR B 406 6.49 -13.06 4.92
C TYR B 406 6.03 -13.76 3.64
N TRP B 407 6.08 -13.07 2.50
CA TRP B 407 5.67 -13.69 1.25
C TRP B 407 6.76 -14.59 0.71
N GLN B 408 6.37 -15.76 0.22
CA GLN B 408 7.33 -16.74 -0.26
C GLN B 408 6.91 -17.38 -1.59
N ALA B 409 5.84 -16.92 -2.21
CA ALA B 409 5.37 -17.47 -3.47
C ALA B 409 5.72 -16.53 -4.63
N THR B 410 5.95 -17.12 -5.80
CA THR B 410 6.34 -16.33 -6.97
C THR B 410 5.17 -15.56 -7.57
N TRP B 411 3.94 -15.92 -7.22
CA TRP B 411 2.76 -15.21 -7.68
C TRP B 411 2.18 -14.38 -6.54
N ILE B 412 1.32 -13.42 -6.91
CA ILE B 412 0.64 -12.57 -5.93
C ILE B 412 -0.82 -12.44 -6.31
N PRO B 413 -1.75 -12.81 -5.44
CA PRO B 413 -3.17 -12.68 -5.76
C PRO B 413 -3.69 -11.27 -5.53
N GLU B 414 -5.00 -11.08 -5.67
CA GLU B 414 -5.65 -9.82 -5.37
C GLU B 414 -6.33 -9.89 -4.01
N TRP B 415 -6.58 -8.71 -3.44
CA TRP B 415 -7.19 -8.68 -2.12
C TRP B 415 -7.89 -7.35 -1.90
N GLU B 416 -8.96 -7.41 -1.12
CA GLU B 416 -9.63 -6.25 -0.55
C GLU B 416 -9.65 -6.41 0.97
N PHE B 417 -10.16 -5.38 1.66
CA PHE B 417 -10.05 -5.31 3.11
C PHE B 417 -11.42 -5.22 3.74
N VAL B 418 -11.67 -6.06 4.75
CA VAL B 418 -12.91 -6.08 5.51
C VAL B 418 -12.73 -5.23 6.75
N ASN B 419 -13.57 -4.20 6.89
CA ASN B 419 -13.47 -3.27 8.01
C ASN B 419 -14.65 -3.36 8.98
N THR B 420 -15.62 -4.22 8.70
CA THR B 420 -16.74 -4.46 9.59
C THR B 420 -16.72 -5.92 10.05
N PRO B 421 -16.75 -6.17 11.35
CA PRO B 421 -16.65 -7.56 11.84
C PRO B 421 -17.83 -8.39 11.38
N PRO B 422 -17.59 -9.47 10.64
CA PRO B 422 -18.70 -10.32 10.20
C PRO B 422 -19.30 -11.10 11.36
N LEU B 423 -20.62 -11.20 11.36
CA LEU B 423 -21.30 -12.00 12.37
C LEU B 423 -21.16 -13.50 12.09
N VAL B 424 -20.81 -13.88 10.86
CA VAL B 424 -20.70 -15.29 10.50
C VAL B 424 -19.42 -15.93 10.99
N LYS B 425 -18.56 -15.18 11.69
CA LYS B 425 -17.37 -15.79 12.28
C LYS B 425 -17.74 -16.88 13.28
N LEU B 426 -18.80 -16.64 14.05
CA LEU B 426 -19.23 -17.63 15.04
C LEU B 426 -19.70 -18.92 14.39
N TRP B 427 -20.29 -18.83 13.19
CA TRP B 427 -20.88 -20.00 12.56
C TRP B 427 -19.84 -20.91 11.91
N TYR B 428 -18.64 -20.42 11.66
CA TYR B 428 -17.54 -21.25 11.20
C TYR B 428 -16.60 -21.66 12.33
N GLN B 429 -16.91 -21.28 13.57
CA GLN B 429 -16.11 -21.67 14.72
C GLN B 429 -16.16 -23.18 14.93
N XRB C . 21.79 22.51 -1.19
C XRB C . 21.31 14.72 -0.21
O XRB C . 24.04 13.87 -0.22
C1 XRB C . 22.48 15.66 -0.34
C10 XRB C . 23.80 15.23 -0.32
C11 XRB C . 24.25 13.35 1.02
C12 XRB C . 24.17 11.95 1.13
C13 XRB C . 24.43 11.47 2.40
C14 XRB C . 24.74 13.56 3.21
C15 XRB C . 25.42 15.70 4.41
C16 XRB C . 25.18 16.62 3.39
C17 XRB C . 25.57 17.94 3.56
C18 XRB C . 25.32 18.88 2.48
C19 XRB C . 26.21 18.37 4.74
C2 XRB C . 22.26 17.03 -0.50
C20 XRB C . 25.59 20.54 5.62
C21 XRB C . 25.71 21.99 5.21
C22 XRB C . 28.86 24.20 4.10
C23 XRB C . 28.02 21.43 5.82
C24 XRB C . 27.93 20.04 5.21
C25 XRB C . 26.45 17.43 5.73
C26 XRB C . 26.06 16.12 5.57
C3 XRB C . 23.31 17.94 -0.62
C4 XRB C . 23.08 19.38 -0.80
C5 XRB C . 21.89 19.97 -0.85
C6 XRB C . 21.82 21.38 -1.04
C7 XRB C . 24.62 17.45 -0.58
C8 XRB C . 24.89 16.10 -0.42
C9 XRB C . 26.31 15.60 -0.40
N1 XRB C . 24.71 12.24 3.45
N2 XRB C . 25.03 14.35 4.28
N3 XRB C . 25.13 19.65 1.66
N4 XRB C . 26.54 19.72 4.86
N5 XRB C . 27.14 22.34 5.07
N6 XRB C . 24.52 14.16 2.02
O1 XRB C . 26.37 24.63 4.63
O2 XRB C . 27.90 24.19 6.50
S XRB C . 27.49 23.93 5.16
S SO4 D . -15.22 -4.19 31.79
O1 SO4 D . -14.21 -5.16 32.20
O2 SO4 D . -16.26 -4.12 32.82
O3 SO4 D . -14.60 -2.88 31.65
O4 SO4 D . -15.82 -4.61 30.52
S SO4 E . -9.49 12.58 24.45
O1 SO4 E . -8.56 11.52 24.81
O2 SO4 E . -10.46 12.78 25.52
O3 SO4 E . -8.75 13.82 24.25
O4 SO4 E . -10.18 12.22 23.22
S SO4 F . -29.51 -2.73 40.01
O1 SO4 F . -28.49 -3.75 40.24
O2 SO4 F . -29.56 -1.83 41.16
O3 SO4 F . -29.19 -1.97 38.81
O4 SO4 F . -30.81 -3.38 39.84
C1 EDO G . -25.79 -13.65 9.94
O1 EDO G . -25.56 -14.82 10.73
C2 EDO G . -27.02 -13.86 9.06
O2 EDO G . -28.21 -13.67 9.84
S SO4 H . 2.07 -2.87 -0.88
O1 SO4 H . 0.81 -3.45 -0.39
O2 SO4 H . 3.14 -3.83 -0.68
O3 SO4 H . 1.92 -2.57 -2.29
O4 SO4 H . 2.37 -1.65 -0.14
S SO4 I . 8.77 -3.93 5.85
O1 SO4 I . 9.65 -4.75 6.68
O2 SO4 I . 7.84 -3.22 6.72
O3 SO4 I . 9.57 -2.97 5.11
O4 SO4 I . 8.03 -4.76 4.92
S SO4 J . 7.29 5.36 -25.01
O1 SO4 J . 8.20 4.45 -24.36
O2 SO4 J . 6.00 4.74 -25.14
O3 SO4 J . 7.80 5.69 -26.31
O4 SO4 J . 7.17 6.55 -24.22
#